data_2FJI
#
_entry.id   2FJI
#
_cell.length_a   108.295
_cell.length_b   63.301
_cell.length_c   151.468
_cell.angle_alpha   90.00
_cell.angle_beta   103.89
_cell.angle_gamma   90.00
#
_symmetry.space_group_name_H-M   'P 1 21 1'
#
loop_
_entity.id
_entity.type
_entity.pdbx_description
1 polymer 'Exocyst complex component SEC6'
2 water water
#
_entity_poly.entity_id   1
_entity_poly.type   'polypeptide(L)'
_entity_poly.pdbx_seq_one_letter_code
;GSHMGDKEKETLFKDYLNLIVVKMTEWIGNLEKAEFDVFLERSTPPHSDSDGLLFLDGTKTCFQMFTQQVEVAAGTNQAK
ILVGVVERFSDLLTKRQKNWISKISEEIKKQINYNHKYDIDPESITPEDECPGGLVEYLIAVSNDQMKAADYAVAISSKY
GKLVSKVYEKQITNHLEGTLDGFAEVAQCSSLGLITLMFDDLRKPYQEIFSKTWYMGSQAQQIADTLDEYLLDIKPQMNS
VLFVNFIDNVIGETIIKFLTALSFEHSFKNKNNKFLEAMKRDFEIFYQLFVKVLDGNESKDTLITQNFTVMEFFMDLSCE
PIDSILDIWQKYLEVYWDSRIDLLVGILKCRKDVSSSERKKIVQQATEMLHEYRRNMEANGVDREPTLMRRFVLEFEKQ
;
_entity_poly.pdbx_strand_id   1,2
#
# COMPACT_ATOMS: atom_id res chain seq x y z
N GLY A 1 30.05 -42.38 -19.60
CA GLY A 1 29.11 -41.61 -20.47
C GLY A 1 29.78 -41.08 -21.71
N SER A 2 29.03 -40.31 -22.50
CA SER A 2 29.54 -39.72 -23.72
C SER A 2 30.17 -38.37 -23.46
N HIS A 3 30.83 -37.83 -24.49
CA HIS A 3 31.47 -36.53 -24.41
C HIS A 3 30.48 -35.41 -24.20
N MET A 4 30.92 -34.37 -23.49
CA MET A 4 30.09 -33.20 -23.24
C MET A 4 30.96 -31.96 -23.30
N GLY A 5 30.48 -30.94 -23.99
CA GLY A 5 31.23 -29.71 -24.08
C GLY A 5 30.96 -28.89 -22.85
N ASP A 6 31.83 -27.93 -22.57
CA ASP A 6 31.66 -27.07 -21.41
C ASP A 6 30.34 -26.31 -21.46
N LYS A 7 29.93 -25.90 -22.66
CA LYS A 7 28.67 -25.18 -22.80
C LYS A 7 27.51 -26.08 -22.40
N GLU A 8 27.57 -27.34 -22.83
CA GLU A 8 26.52 -28.31 -22.53
C GLU A 8 26.52 -28.78 -21.09
N LYS A 9 27.70 -28.82 -20.45
CA LYS A 9 27.78 -29.22 -19.05
C LYS A 9 27.14 -28.10 -18.22
N GLU A 10 27.48 -26.85 -18.55
CA GLU A 10 26.92 -25.72 -17.83
C GLU A 10 25.41 -25.72 -18.00
N THR A 11 24.95 -25.93 -19.22
CA THR A 11 23.51 -25.97 -19.48
C THR A 11 22.86 -27.09 -18.65
N LEU A 12 23.54 -28.23 -18.57
CA LEU A 12 23.05 -29.37 -17.80
C LEU A 12 22.94 -28.97 -16.32
N PHE A 13 23.97 -28.29 -15.81
CA PHE A 13 23.98 -27.85 -14.42
C PHE A 13 22.89 -26.83 -14.15
N LYS A 14 22.66 -25.92 -15.10
CA LYS A 14 21.64 -24.90 -14.92
C LYS A 14 20.25 -25.51 -15.02
N ASP A 15 20.07 -26.46 -15.91
CA ASP A 15 18.75 -27.08 -16.05
C ASP A 15 18.44 -28.01 -14.88
N TYR A 16 19.48 -28.67 -14.38
CA TYR A 16 19.35 -29.59 -13.26
C TYR A 16 18.95 -28.80 -12.01
N LEU A 17 19.74 -27.77 -11.69
CA LEU A 17 19.46 -26.93 -10.52
C LEU A 17 18.01 -26.46 -10.58
N ASN A 18 17.58 -26.06 -11.78
CA ASN A 18 16.21 -25.58 -11.94
C ASN A 18 15.17 -26.65 -11.63
N LEU A 19 15.36 -27.86 -12.17
CA LEU A 19 14.39 -28.91 -11.92
C LEU A 19 14.30 -29.20 -10.42
N ILE A 20 15.45 -29.23 -9.76
CA ILE A 20 15.53 -29.49 -8.33
C ILE A 20 14.78 -28.39 -7.58
N VAL A 21 15.15 -27.17 -7.86
CA VAL A 21 14.58 -26.00 -7.23
C VAL A 21 13.06 -25.92 -7.37
N VAL A 22 12.53 -26.15 -8.57
CA VAL A 22 11.07 -26.10 -8.81
C VAL A 22 10.36 -27.18 -8.01
N LYS A 23 10.98 -28.35 -7.95
CA LYS A 23 10.45 -29.48 -7.22
C LYS A 23 10.36 -29.12 -5.74
N MET A 24 11.36 -28.40 -5.23
CA MET A 24 11.39 -28.00 -3.83
C MET A 24 10.24 -27.07 -3.46
N THR A 25 9.95 -26.11 -4.33
CA THR A 25 8.83 -25.20 -4.07
C THR A 25 7.54 -26.00 -4.06
N GLU A 26 7.48 -27.04 -4.88
CA GLU A 26 6.30 -27.86 -4.94
C GLU A 26 6.19 -28.68 -3.66
N TRP A 27 7.29 -29.32 -3.28
CA TRP A 27 7.29 -30.12 -2.06
C TRP A 27 6.80 -29.27 -0.87
N ILE A 28 7.50 -28.18 -0.60
CA ILE A 28 7.13 -27.29 0.50
C ILE A 28 5.67 -26.87 0.34
N GLY A 29 5.25 -26.64 -0.89
CA GLY A 29 3.88 -26.23 -1.14
C GLY A 29 2.90 -27.26 -0.60
N ASN A 30 3.17 -28.52 -0.88
CA ASN A 30 2.29 -29.59 -0.42
C ASN A 30 2.41 -29.75 1.08
N LEU A 31 3.63 -29.68 1.61
CA LEU A 31 3.85 -29.82 3.04
C LEU A 31 3.03 -28.77 3.79
N GLU A 32 3.14 -27.51 3.38
CA GLU A 32 2.40 -26.45 4.03
C GLU A 32 0.90 -26.78 4.12
N LYS A 33 0.35 -27.30 3.04
CA LYS A 33 -1.07 -27.66 3.02
C LYS A 33 -1.34 -28.73 4.06
N ALA A 34 -0.66 -29.86 3.97
CA ALA A 34 -0.85 -30.96 4.91
C ALA A 34 -0.65 -30.47 6.36
N GLU A 35 0.38 -29.64 6.50
CA GLU A 35 0.81 -29.04 7.76
C GLU A 35 -0.30 -28.16 8.37
N PHE A 36 -0.93 -27.35 7.54
CA PHE A 36 -1.99 -26.45 7.99
C PHE A 36 -3.30 -27.19 8.23
N ASP A 37 -3.43 -28.38 7.63
CA ASP A 37 -4.63 -29.19 7.81
C ASP A 37 -4.56 -29.76 9.21
N VAL A 38 -3.42 -30.36 9.54
CA VAL A 38 -3.23 -30.94 10.85
C VAL A 38 -3.50 -29.85 11.90
N PHE A 39 -2.72 -28.77 11.81
CA PHE A 39 -2.83 -27.66 12.74
C PHE A 39 -4.24 -27.09 12.91
N LEU A 40 -4.99 -27.05 11.82
CA LEU A 40 -6.36 -26.53 11.84
C LEU A 40 -7.41 -27.50 12.37
N GLU A 41 -7.27 -28.77 12.01
CA GLU A 41 -8.21 -29.81 12.42
C GLU A 41 -7.90 -30.30 13.82
N ARG A 42 -6.62 -30.35 14.15
CA ARG A 42 -6.20 -30.81 15.47
C ARG A 42 -6.91 -32.10 15.86
N SER A 43 -7.21 -32.96 14.88
CA SER A 43 -7.93 -34.21 15.13
C SER A 43 -7.18 -35.16 16.08
N THR A 44 -5.97 -34.79 16.43
CA THR A 44 -5.17 -35.59 17.35
C THR A 44 -4.24 -34.62 18.04
N PRO A 45 -3.54 -35.06 19.10
CA PRO A 45 -2.64 -34.10 19.76
C PRO A 45 -1.17 -34.24 19.36
N PRO A 46 -0.45 -33.11 19.32
CA PRO A 46 0.96 -33.08 18.98
C PRO A 46 1.76 -34.18 19.67
N HIS A 47 2.75 -34.74 18.99
CA HIS A 47 3.58 -35.79 19.56
C HIS A 47 4.43 -35.18 20.66
N SER A 48 5.33 -35.98 21.23
CA SER A 48 6.23 -35.53 22.30
C SER A 48 7.57 -36.15 22.03
N ASP A 49 8.65 -35.38 22.18
CA ASP A 49 9.97 -35.92 21.93
C ASP A 49 10.52 -36.57 23.19
N SER A 50 11.78 -37.00 23.15
CA SER A 50 12.39 -37.65 24.29
C SER A 50 12.38 -36.80 25.56
N ASP A 51 12.45 -35.47 25.37
CA ASP A 51 12.46 -34.56 26.50
C ASP A 51 11.09 -34.00 26.86
N GLY A 52 10.04 -34.66 26.39
CA GLY A 52 8.69 -34.23 26.69
C GLY A 52 8.23 -33.02 25.89
N LEU A 53 9.13 -32.47 25.07
CA LEU A 53 8.79 -31.30 24.24
C LEU A 53 7.86 -31.65 23.10
N LEU A 54 6.73 -30.98 23.03
CA LEU A 54 5.78 -31.22 21.94
C LEU A 54 6.42 -30.78 20.63
N PHE A 55 5.92 -31.31 19.52
CA PHE A 55 6.39 -30.96 18.18
C PHE A 55 5.42 -31.42 17.11
N LEU A 56 5.60 -30.90 15.90
CA LEU A 56 4.75 -31.26 14.79
C LEU A 56 5.61 -31.94 13.73
N ASP A 57 4.98 -32.77 12.91
CA ASP A 57 5.71 -33.49 11.86
C ASP A 57 6.18 -32.57 10.73
N GLY A 58 5.36 -31.57 10.40
CA GLY A 58 5.70 -30.63 9.35
C GLY A 58 7.16 -30.21 9.40
N THR A 59 7.55 -29.50 10.45
CA THR A 59 8.92 -29.06 10.62
C THR A 59 9.88 -30.23 10.43
N LYS A 60 9.55 -31.38 11.00
CA LYS A 60 10.44 -32.56 10.89
C LYS A 60 10.64 -33.06 9.46
N THR A 61 9.55 -33.19 8.71
CA THR A 61 9.68 -33.66 7.33
C THR A 61 10.48 -32.62 6.55
N CYS A 62 10.08 -31.37 6.72
CA CYS A 62 10.69 -30.24 6.05
C CYS A 62 12.20 -30.33 6.03
N PHE A 63 12.81 -30.52 7.21
CA PHE A 63 14.27 -30.61 7.26
C PHE A 63 14.80 -31.99 6.86
N GLN A 64 13.96 -33.02 6.92
CA GLN A 64 14.40 -34.34 6.51
C GLN A 64 14.58 -34.26 4.99
N MET A 65 13.54 -33.77 4.32
CA MET A 65 13.53 -33.60 2.87
C MET A 65 14.73 -32.80 2.40
N PHE A 66 14.98 -31.67 3.05
CA PHE A 66 16.12 -30.85 2.65
C PHE A 66 17.44 -31.54 2.87
N THR A 67 17.61 -32.15 4.04
CA THR A 67 18.87 -32.84 4.34
C THR A 67 19.15 -33.85 3.25
N GLN A 68 18.11 -34.27 2.54
CA GLN A 68 18.27 -35.22 1.46
C GLN A 68 18.79 -34.48 0.22
N GLN A 69 18.12 -33.38 -0.14
CA GLN A 69 18.52 -32.58 -1.28
C GLN A 69 19.95 -32.03 -1.18
N VAL A 70 20.34 -31.48 -0.03
CA VAL A 70 21.70 -30.94 0.12
C VAL A 70 22.74 -31.98 -0.15
N GLU A 71 22.44 -33.23 0.21
CA GLU A 71 23.39 -34.31 -0.03
C GLU A 71 23.65 -34.47 -1.53
N VAL A 72 22.56 -34.56 -2.30
CA VAL A 72 22.69 -34.71 -3.74
C VAL A 72 23.37 -33.50 -4.33
N ALA A 73 22.89 -32.32 -3.94
CA ALA A 73 23.47 -31.08 -4.44
C ALA A 73 24.98 -31.07 -4.21
N ALA A 74 25.41 -31.37 -3.00
CA ALA A 74 26.84 -31.41 -2.67
C ALA A 74 27.57 -32.51 -3.45
N GLY A 75 26.96 -33.68 -3.59
CA GLY A 75 27.60 -34.76 -4.32
C GLY A 75 27.97 -34.34 -5.74
N THR A 76 27.24 -33.36 -6.24
CA THR A 76 27.43 -32.80 -7.56
C THR A 76 28.81 -32.13 -7.69
N ASN A 77 29.31 -31.65 -6.55
CA ASN A 77 30.58 -30.94 -6.45
C ASN A 77 30.56 -29.61 -7.19
N GLN A 78 29.36 -29.15 -7.54
CA GLN A 78 29.18 -27.88 -8.23
C GLN A 78 28.58 -26.85 -7.26
N ALA A 79 29.42 -25.98 -6.72
CA ALA A 79 29.00 -24.95 -5.78
C ALA A 79 27.71 -24.24 -6.18
N LYS A 80 27.60 -23.85 -7.45
CA LYS A 80 26.39 -23.17 -7.90
C LYS A 80 25.13 -23.96 -7.60
N ILE A 81 25.21 -25.27 -7.78
CA ILE A 81 24.06 -26.13 -7.50
C ILE A 81 23.79 -26.22 -6.00
N LEU A 82 24.85 -26.35 -5.20
CA LEU A 82 24.75 -26.43 -3.73
C LEU A 82 24.12 -25.17 -3.13
N VAL A 83 24.68 -24.02 -3.48
CA VAL A 83 24.19 -22.75 -2.99
C VAL A 83 22.80 -22.48 -3.52
N GLY A 84 22.53 -22.93 -4.74
CA GLY A 84 21.22 -22.73 -5.34
C GLY A 84 20.12 -23.41 -4.54
N VAL A 85 20.40 -24.62 -4.10
CA VAL A 85 19.48 -25.42 -3.32
C VAL A 85 19.34 -24.76 -1.94
N VAL A 86 20.47 -24.38 -1.34
CA VAL A 86 20.45 -23.73 -0.03
C VAL A 86 19.68 -22.44 -0.11
N GLU A 87 19.90 -21.69 -1.17
CA GLU A 87 19.19 -20.44 -1.36
C GLU A 87 17.68 -20.67 -1.41
N ARG A 88 17.24 -21.52 -2.36
CA ARG A 88 15.81 -21.80 -2.51
C ARG A 88 15.18 -22.22 -1.16
N PHE A 89 15.80 -23.17 -0.48
CA PHE A 89 15.29 -23.65 0.80
C PHE A 89 15.17 -22.51 1.82
N SER A 90 16.16 -21.61 1.84
CA SER A 90 16.12 -20.48 2.76
C SER A 90 14.99 -19.52 2.42
N ASP A 91 14.76 -19.25 1.14
CA ASP A 91 13.66 -18.35 0.80
C ASP A 91 12.33 -19.02 1.10
N LEU A 92 12.26 -20.33 0.95
CA LEU A 92 11.02 -21.06 1.20
C LEU A 92 10.70 -21.10 2.69
N LEU A 93 11.74 -21.16 3.53
CA LEU A 93 11.58 -21.17 4.97
C LEU A 93 10.99 -19.82 5.42
N THR A 94 11.63 -18.74 4.96
CA THR A 94 11.17 -17.40 5.29
C THR A 94 9.70 -17.19 4.95
N LYS A 95 9.31 -17.69 3.78
CA LYS A 95 7.93 -17.58 3.32
C LYS A 95 7.04 -18.46 4.19
N ARG A 96 7.57 -19.62 4.57
CA ARG A 96 6.84 -20.55 5.41
C ARG A 96 6.54 -19.84 6.74
N GLN A 97 7.54 -19.12 7.28
CA GLN A 97 7.35 -18.38 8.52
C GLN A 97 6.21 -17.40 8.35
N LYS A 98 6.24 -16.63 7.26
CA LYS A 98 5.16 -15.67 6.97
C LYS A 98 3.80 -16.35 7.03
N ASN A 99 3.69 -17.51 6.38
CA ASN A 99 2.42 -18.23 6.34
C ASN A 99 1.94 -18.74 7.70
N TRP A 100 2.84 -19.34 8.47
CA TRP A 100 2.50 -19.84 9.80
C TRP A 100 2.01 -18.71 10.68
N ILE A 101 2.74 -17.60 10.70
CA ILE A 101 2.33 -16.48 11.52
C ILE A 101 0.90 -16.11 11.15
N SER A 102 0.61 -16.11 9.86
CA SER A 102 -0.74 -15.79 9.40
C SER A 102 -1.74 -16.84 9.89
N LYS A 103 -1.36 -18.12 9.81
CA LYS A 103 -2.24 -19.19 10.26
C LYS A 103 -2.46 -19.20 11.76
N ILE A 104 -1.40 -18.97 12.52
CA ILE A 104 -1.47 -18.94 13.98
C ILE A 104 -2.41 -17.83 14.39
N SER A 105 -2.28 -16.70 13.72
CA SER A 105 -3.11 -15.55 14.01
C SER A 105 -4.60 -15.78 13.76
N GLU A 106 -4.93 -16.58 12.76
CA GLU A 106 -6.34 -16.85 12.46
C GLU A 106 -6.97 -17.89 13.38
N GLU A 107 -6.18 -18.87 13.81
CA GLU A 107 -6.70 -19.91 14.71
C GLU A 107 -7.08 -19.28 16.05
N ILE A 108 -6.28 -18.30 16.46
CA ILE A 108 -6.50 -17.63 17.72
C ILE A 108 -7.68 -16.68 17.63
N LYS A 109 -7.93 -16.13 16.45
CA LYS A 109 -9.09 -15.25 16.32
C LYS A 109 -10.32 -16.18 16.35
N LYS A 110 -10.15 -17.35 15.76
CA LYS A 110 -11.21 -18.35 15.69
C LYS A 110 -11.59 -18.76 17.12
N GLN A 111 -10.63 -19.31 17.84
CA GLN A 111 -10.82 -19.75 19.23
C GLN A 111 -11.50 -18.68 20.09
N ILE A 112 -10.97 -17.46 20.02
CA ILE A 112 -11.51 -16.36 20.78
C ILE A 112 -12.89 -15.98 20.27
N ASN A 113 -13.34 -16.68 19.24
CA ASN A 113 -14.68 -16.44 18.71
C ASN A 113 -15.53 -17.63 19.10
N TYR A 114 -14.92 -18.82 19.03
CA TYR A 114 -15.62 -20.04 19.40
C TYR A 114 -15.93 -20.02 20.88
N ASN A 115 -15.34 -19.05 21.57
CA ASN A 115 -15.54 -18.87 23.00
C ASN A 115 -16.70 -17.92 23.25
N HIS A 116 -16.55 -16.68 22.81
CA HIS A 116 -17.59 -15.68 22.99
C HIS A 116 -18.95 -16.14 22.42
N LYS A 117 -18.91 -16.95 21.36
CA LYS A 117 -20.15 -17.45 20.75
C LYS A 117 -20.57 -18.78 21.37
N TYR A 118 -19.83 -19.19 22.40
CA TYR A 118 -20.13 -20.41 23.11
C TYR A 118 -20.57 -19.94 24.48
N ASP A 119 -20.36 -18.64 24.70
CA ASP A 119 -20.73 -17.96 25.95
C ASP A 119 -22.24 -18.00 26.04
N ILE A 120 -22.88 -18.06 24.87
CA ILE A 120 -24.34 -18.09 24.75
C ILE A 120 -24.74 -19.32 23.94
N ASP A 121 -23.82 -20.28 23.86
CA ASP A 121 -24.00 -21.55 23.13
C ASP A 121 -24.77 -21.42 21.81
N PRO A 122 -25.02 -22.57 21.12
CA PRO A 122 -25.74 -22.64 19.86
C PRO A 122 -26.82 -21.61 19.55
N GLU A 123 -27.19 -20.81 20.54
CA GLU A 123 -28.16 -19.75 20.32
C GLU A 123 -27.43 -18.73 19.44
N SER A 124 -26.10 -18.80 19.49
CA SER A 124 -25.25 -17.87 18.76
C SER A 124 -24.04 -18.49 18.03
N ILE A 125 -24.05 -19.80 17.77
CA ILE A 125 -22.92 -20.41 17.09
C ILE A 125 -23.25 -21.29 15.88
N THR A 126 -22.78 -20.83 14.72
CA THR A 126 -22.98 -21.52 13.44
C THR A 126 -21.81 -22.46 13.17
N PRO A 127 -21.94 -23.32 12.14
CA PRO A 127 -20.88 -24.26 11.79
C PRO A 127 -19.61 -23.52 11.38
N GLU A 128 -19.71 -22.19 11.32
CA GLU A 128 -18.58 -21.36 10.93
C GLU A 128 -17.67 -21.15 12.14
N ASP A 129 -18.28 -21.05 13.32
CA ASP A 129 -17.57 -20.85 14.57
C ASP A 129 -16.88 -22.13 15.05
N GLU A 130 -17.24 -23.26 14.44
CA GLU A 130 -16.68 -24.54 14.82
C GLU A 130 -15.17 -24.52 14.99
N CYS A 131 -14.72 -24.59 16.23
CA CYS A 131 -13.28 -24.58 16.53
C CYS A 131 -12.85 -25.80 17.34
N PRO A 132 -12.05 -26.69 16.75
CA PRO A 132 -11.57 -27.89 17.44
C PRO A 132 -10.82 -27.47 18.69
N GLY A 133 -10.47 -28.45 19.52
CA GLY A 133 -9.75 -28.12 20.74
C GLY A 133 -8.30 -28.51 20.62
N GLY A 134 -7.51 -28.23 21.66
CA GLY A 134 -6.10 -28.59 21.64
C GLY A 134 -5.16 -27.51 21.14
N LEU A 135 -5.70 -26.34 20.82
CA LEU A 135 -4.85 -25.25 20.33
C LEU A 135 -3.67 -25.02 21.25
N VAL A 136 -3.92 -24.88 22.55
CA VAL A 136 -2.85 -24.64 23.50
C VAL A 136 -1.66 -25.52 23.24
N GLU A 137 -1.88 -26.83 23.20
CA GLU A 137 -0.78 -27.78 22.97
C GLU A 137 -0.14 -27.62 21.58
N TYR A 138 -0.94 -27.23 20.58
CA TYR A 138 -0.41 -27.04 19.25
C TYR A 138 0.48 -25.78 19.24
N LEU A 139 -0.02 -24.72 19.85
CA LEU A 139 0.74 -23.47 19.92
C LEU A 139 2.09 -23.70 20.54
N ILE A 140 2.15 -24.58 21.53
CA ILE A 140 3.44 -24.86 22.17
C ILE A 140 4.31 -25.63 21.18
N ALA A 141 3.68 -26.53 20.45
CA ALA A 141 4.40 -27.35 19.48
C ALA A 141 5.07 -26.43 18.43
N VAL A 142 4.25 -25.62 17.79
CA VAL A 142 4.74 -24.69 16.80
C VAL A 142 5.88 -23.87 17.38
N SER A 143 5.76 -23.47 18.64
CA SER A 143 6.82 -22.68 19.27
C SER A 143 8.13 -23.44 19.35
N ASN A 144 8.09 -24.65 19.90
CA ASN A 144 9.30 -25.47 20.04
C ASN A 144 9.95 -25.79 18.68
N ASP A 145 9.13 -25.92 17.63
CA ASP A 145 9.66 -26.25 16.32
C ASP A 145 10.50 -25.13 15.72
N GLN A 146 10.11 -23.89 16.00
CA GLN A 146 10.86 -22.75 15.49
C GLN A 146 12.28 -22.84 16.03
N MET A 147 12.42 -23.10 17.32
CA MET A 147 13.74 -23.18 17.90
C MET A 147 14.53 -24.31 17.27
N LYS A 148 13.89 -25.46 17.10
CA LYS A 148 14.59 -26.60 16.48
C LYS A 148 14.99 -26.20 15.06
N ALA A 149 14.04 -25.68 14.29
CA ALA A 149 14.29 -25.24 12.92
C ALA A 149 15.48 -24.29 12.84
N ALA A 150 15.52 -23.33 13.75
CA ALA A 150 16.62 -22.36 13.79
C ALA A 150 17.96 -23.05 13.97
N ASP A 151 17.98 -24.09 14.80
CA ASP A 151 19.23 -24.82 15.05
C ASP A 151 19.66 -25.65 13.84
N TYR A 152 18.70 -26.21 13.12
CA TYR A 152 18.98 -27.00 11.94
C TYR A 152 19.64 -26.10 10.90
N ALA A 153 19.06 -24.92 10.73
CA ALA A 153 19.55 -23.96 9.77
C ALA A 153 21.02 -23.66 10.03
N VAL A 154 21.35 -23.37 11.29
CA VAL A 154 22.71 -23.06 11.67
C VAL A 154 23.67 -24.22 11.38
N ALA A 155 23.23 -25.43 11.69
CA ALA A 155 24.06 -26.60 11.47
C ALA A 155 24.35 -26.81 9.97
N ILE A 156 23.30 -26.72 9.15
CA ILE A 156 23.44 -26.85 7.71
C ILE A 156 24.45 -25.84 7.22
N SER A 157 24.32 -24.61 7.70
CA SER A 157 25.22 -23.53 7.32
C SER A 157 26.69 -23.85 7.55
N SER A 158 27.09 -24.06 8.80
CA SER A 158 28.49 -24.33 9.11
C SER A 158 28.99 -25.60 8.44
N LYS A 159 28.10 -26.54 8.17
CA LYS A 159 28.51 -27.79 7.53
C LYS A 159 28.83 -27.58 6.05
N TYR A 160 27.84 -27.13 5.30
CA TYR A 160 28.02 -26.93 3.89
C TYR A 160 28.78 -25.68 3.49
N GLY A 161 28.86 -24.70 4.39
CA GLY A 161 29.57 -23.48 4.07
C GLY A 161 31.06 -23.75 3.80
N LYS A 162 31.66 -24.56 4.67
CA LYS A 162 33.07 -24.90 4.57
C LYS A 162 33.44 -25.77 3.36
N LEU A 163 32.46 -26.20 2.59
CA LEU A 163 32.71 -27.04 1.43
C LEU A 163 32.90 -26.27 0.14
N VAL A 164 32.80 -24.95 0.19
CA VAL A 164 32.97 -24.16 -1.02
C VAL A 164 33.91 -22.97 -0.83
N SER A 165 34.20 -22.27 -1.93
CA SER A 165 35.09 -21.12 -1.89
C SER A 165 34.49 -20.04 -0.96
N LYS A 166 35.33 -19.10 -0.55
CA LYS A 166 34.91 -18.03 0.35
C LYS A 166 33.67 -17.31 -0.16
N VAL A 167 33.70 -16.88 -1.42
CA VAL A 167 32.56 -16.16 -1.97
C VAL A 167 31.27 -16.97 -1.79
N TYR A 168 31.34 -18.28 -2.02
CA TYR A 168 30.17 -19.14 -1.90
C TYR A 168 29.75 -19.48 -0.47
N GLU A 169 30.71 -19.65 0.44
CA GLU A 169 30.41 -19.93 1.84
C GLU A 169 29.65 -18.76 2.44
N LYS A 170 30.05 -17.56 2.05
CA LYS A 170 29.41 -16.33 2.51
C LYS A 170 27.94 -16.35 2.12
N GLN A 171 27.68 -16.70 0.86
CA GLN A 171 26.31 -16.76 0.38
C GLN A 171 25.45 -17.77 1.15
N ILE A 172 25.99 -18.96 1.37
CA ILE A 172 25.26 -19.98 2.10
C ILE A 172 24.90 -19.45 3.48
N THR A 173 25.89 -18.90 4.16
CA THR A 173 25.72 -18.34 5.49
C THR A 173 24.68 -17.23 5.57
N ASN A 174 24.70 -16.29 4.64
CA ASN A 174 23.73 -15.21 4.68
C ASN A 174 22.35 -15.75 4.39
N HIS A 175 22.25 -16.61 3.38
CA HIS A 175 20.95 -17.21 3.06
C HIS A 175 20.33 -17.87 4.32
N LEU A 176 21.05 -18.81 4.92
CA LEU A 176 20.54 -19.54 6.07
C LEU A 176 20.35 -18.69 7.32
N GLU A 177 21.30 -17.81 7.60
CA GLU A 177 21.17 -16.96 8.79
C GLU A 177 20.06 -15.95 8.56
N GLY A 178 19.74 -15.70 7.30
CA GLY A 178 18.68 -14.76 6.96
C GLY A 178 17.32 -15.25 7.41
N THR A 179 17.23 -16.51 7.82
CA THR A 179 15.96 -17.10 8.28
C THR A 179 15.80 -17.11 9.80
N LEU A 180 16.90 -16.98 10.52
CA LEU A 180 16.91 -17.05 11.99
C LEU A 180 15.98 -16.10 12.74
N ASP A 181 16.12 -14.80 12.54
CA ASP A 181 15.25 -13.87 13.24
C ASP A 181 13.79 -14.26 13.06
N GLY A 182 13.45 -14.72 11.86
CA GLY A 182 12.10 -15.09 11.53
C GLY A 182 11.52 -16.26 12.30
N PHE A 183 12.37 -17.21 12.68
CA PHE A 183 11.89 -18.34 13.46
C PHE A 183 11.50 -17.81 14.83
N ALA A 184 12.32 -16.91 15.37
CA ALA A 184 12.05 -16.29 16.66
C ALA A 184 10.75 -15.52 16.58
N GLU A 185 10.51 -14.90 15.44
CA GLU A 185 9.29 -14.13 15.26
C GLU A 185 8.09 -15.06 15.26
N VAL A 186 8.20 -16.21 14.61
CA VAL A 186 7.08 -17.14 14.58
C VAL A 186 6.81 -17.65 16.01
N ALA A 187 7.90 -17.96 16.72
CA ALA A 187 7.81 -18.43 18.10
C ALA A 187 7.10 -17.37 18.94
N GLN A 188 7.51 -16.10 18.80
CA GLN A 188 6.85 -15.03 19.55
C GLN A 188 5.38 -14.95 19.20
N CYS A 189 5.05 -15.22 17.95
CA CYS A 189 3.63 -15.15 17.56
C CYS A 189 2.83 -16.18 18.32
N SER A 190 3.33 -17.42 18.37
CA SER A 190 2.63 -18.51 19.05
C SER A 190 2.67 -18.36 20.58
N SER A 191 3.80 -17.89 21.09
CA SER A 191 3.92 -17.67 22.52
C SER A 191 2.88 -16.66 22.96
N LEU A 192 2.83 -15.53 22.27
CA LEU A 192 1.87 -14.50 22.63
C LEU A 192 0.41 -14.88 22.34
N GLY A 193 0.20 -15.76 21.37
CA GLY A 193 -1.16 -16.16 21.10
C GLY A 193 -1.67 -17.02 22.26
N LEU A 194 -0.79 -17.87 22.78
CA LEU A 194 -1.10 -18.73 23.90
C LEU A 194 -1.52 -17.81 25.06
N ILE A 195 -0.73 -16.79 25.31
CA ILE A 195 -1.05 -15.85 26.37
C ILE A 195 -2.41 -15.20 26.11
N THR A 196 -2.68 -14.81 24.87
CA THR A 196 -3.98 -14.21 24.59
C THR A 196 -5.09 -15.21 24.94
N LEU A 197 -4.86 -16.49 24.67
CA LEU A 197 -5.86 -17.49 24.99
C LEU A 197 -6.07 -17.55 26.51
N MET A 198 -4.97 -17.76 27.23
CA MET A 198 -5.01 -17.84 28.68
C MET A 198 -5.79 -16.72 29.34
N PHE A 199 -5.46 -15.48 29.00
CA PHE A 199 -6.15 -14.34 29.60
C PHE A 199 -7.56 -14.09 29.11
N ASP A 200 -7.97 -14.78 28.05
CA ASP A 200 -9.32 -14.58 27.56
C ASP A 200 -10.32 -15.22 28.54
N ASP A 201 -9.85 -16.20 29.30
CA ASP A 201 -10.72 -16.87 30.27
C ASP A 201 -10.82 -16.05 31.55
N LEU A 202 -10.13 -14.91 31.58
CA LEU A 202 -10.10 -14.04 32.74
C LEU A 202 -10.68 -12.66 32.57
N ARG A 203 -11.58 -12.49 31.62
CA ARG A 203 -12.19 -11.17 31.40
C ARG A 203 -13.04 -10.70 32.58
N LYS A 204 -13.93 -11.57 33.08
CA LYS A 204 -14.81 -11.19 34.18
C LYS A 204 -14.08 -10.72 35.45
N PRO A 205 -13.16 -11.53 35.99
CA PRO A 205 -12.44 -11.13 37.20
C PRO A 205 -11.60 -9.86 37.03
N TYR A 206 -10.95 -9.71 35.88
CA TYR A 206 -10.14 -8.53 35.67
C TYR A 206 -10.96 -7.25 35.61
N GLN A 207 -12.18 -7.34 35.12
CA GLN A 207 -13.00 -6.12 35.06
C GLN A 207 -13.60 -5.75 36.42
N GLU A 208 -13.41 -6.61 37.42
CA GLU A 208 -13.94 -6.35 38.75
C GLU A 208 -12.85 -5.82 39.70
N ILE A 209 -11.61 -5.74 39.22
CA ILE A 209 -10.55 -5.25 40.09
C ILE A 209 -10.88 -3.82 40.53
N PHE A 210 -10.63 -3.52 41.81
CA PHE A 210 -10.91 -2.20 42.37
C PHE A 210 -12.38 -1.88 42.60
N SER A 211 -13.26 -2.80 42.26
CA SER A 211 -14.68 -2.53 42.48
C SER A 211 -15.05 -2.85 43.94
N LYS A 212 -16.30 -2.63 44.34
CA LYS A 212 -16.70 -2.88 45.71
C LYS A 212 -16.42 -4.30 46.17
N THR A 213 -16.77 -5.29 45.37
CA THR A 213 -16.56 -6.70 45.74
C THR A 213 -15.12 -7.13 45.77
N TRP A 214 -14.23 -6.29 45.25
CA TRP A 214 -12.81 -6.62 45.18
C TRP A 214 -12.04 -6.48 46.52
N TYR A 215 -12.52 -5.58 47.37
CA TYR A 215 -11.86 -5.38 48.65
C TYR A 215 -11.77 -6.67 49.45
N MET A 216 -12.80 -7.49 49.35
CA MET A 216 -12.88 -8.76 50.07
C MET A 216 -13.27 -9.89 49.12
N GLY A 217 -12.93 -9.71 47.85
CA GLY A 217 -13.29 -10.71 46.85
C GLY A 217 -12.30 -11.84 46.69
N SER A 218 -12.45 -12.57 45.59
CA SER A 218 -11.59 -13.69 45.25
C SER A 218 -10.96 -13.56 43.84
N GLN A 219 -11.16 -12.40 43.22
CA GLN A 219 -10.66 -12.11 41.88
C GLN A 219 -9.22 -12.53 41.63
N ALA A 220 -8.29 -11.98 42.39
CA ALA A 220 -6.89 -12.34 42.20
C ALA A 220 -6.66 -13.85 42.29
N GLN A 221 -7.38 -14.50 43.19
CA GLN A 221 -7.22 -15.95 43.38
C GLN A 221 -7.75 -16.74 42.18
N GLN A 222 -8.86 -16.28 41.62
CA GLN A 222 -9.43 -16.92 40.45
C GLN A 222 -8.37 -16.86 39.36
N ILE A 223 -7.83 -15.66 39.15
CA ILE A 223 -6.81 -15.44 38.14
C ILE A 223 -5.62 -16.36 38.36
N ALA A 224 -5.10 -16.39 39.58
CA ALA A 224 -3.96 -17.23 39.87
C ALA A 224 -4.27 -18.68 39.55
N ASP A 225 -5.46 -19.15 39.97
CA ASP A 225 -5.83 -20.53 39.73
C ASP A 225 -5.94 -20.86 38.24
N THR A 226 -6.56 -19.99 37.46
CA THR A 226 -6.67 -20.24 36.04
C THR A 226 -5.27 -20.29 35.42
N LEU A 227 -4.44 -19.32 35.76
CA LEU A 227 -3.07 -19.29 35.24
C LEU A 227 -2.30 -20.53 35.68
N ASP A 228 -2.41 -20.87 36.96
CA ASP A 228 -1.71 -22.02 37.51
C ASP A 228 -2.00 -23.31 36.73
N GLU A 229 -3.25 -23.52 36.33
CA GLU A 229 -3.60 -24.73 35.59
C GLU A 229 -2.83 -24.79 34.27
N TYR A 230 -2.95 -23.72 33.48
CA TYR A 230 -2.27 -23.65 32.20
C TYR A 230 -0.80 -23.93 32.34
N LEU A 231 -0.14 -23.14 33.18
CA LEU A 231 1.30 -23.27 33.39
C LEU A 231 1.74 -24.65 33.86
N LEU A 232 0.92 -25.35 34.63
CA LEU A 232 1.31 -26.69 35.06
C LEU A 232 1.48 -27.56 33.84
N ASP A 233 0.55 -27.44 32.90
CA ASP A 233 0.59 -28.21 31.67
C ASP A 233 1.66 -27.68 30.69
N ILE A 234 1.70 -26.37 30.51
CA ILE A 234 2.63 -25.76 29.56
C ILE A 234 4.11 -25.92 29.90
N LYS A 235 4.51 -25.50 31.09
CA LYS A 235 5.91 -25.58 31.49
C LYS A 235 6.66 -26.85 31.09
N PRO A 236 6.05 -28.02 31.29
CA PRO A 236 6.72 -29.28 30.94
C PRO A 236 6.93 -29.55 29.45
N GLN A 237 5.97 -29.13 28.64
CA GLN A 237 6.03 -29.38 27.21
C GLN A 237 6.59 -28.23 26.36
N MET A 238 7.36 -27.34 26.96
CA MET A 238 7.88 -26.21 26.21
C MET A 238 9.38 -25.97 26.36
N ASN A 239 10.03 -25.69 25.23
CA ASN A 239 11.46 -25.39 25.17
C ASN A 239 11.80 -24.55 26.41
N SER A 240 12.91 -24.87 27.08
CA SER A 240 13.27 -24.14 28.28
C SER A 240 13.65 -22.69 28.07
N VAL A 241 14.32 -22.39 26.96
CA VAL A 241 14.72 -21.02 26.68
C VAL A 241 13.50 -20.14 26.41
N LEU A 242 12.55 -20.68 25.67
CA LEU A 242 11.34 -19.94 25.33
C LEU A 242 10.46 -19.75 26.56
N PHE A 243 10.60 -20.64 27.54
CA PHE A 243 9.78 -20.54 28.73
C PHE A 243 10.07 -19.27 29.50
N VAL A 244 11.33 -18.88 29.53
CA VAL A 244 11.68 -17.68 30.25
C VAL A 244 11.00 -16.46 29.65
N ASN A 245 11.11 -16.30 28.34
CA ASN A 245 10.49 -15.16 27.67
C ASN A 245 8.97 -15.25 27.83
N PHE A 246 8.47 -16.47 27.79
CA PHE A 246 7.05 -16.71 27.93
C PHE A 246 6.51 -16.34 29.32
N ILE A 247 7.16 -16.88 30.36
CA ILE A 247 6.71 -16.61 31.72
C ILE A 247 6.85 -15.13 32.05
N ASP A 248 7.82 -14.49 31.40
CA ASP A 248 8.07 -13.06 31.60
C ASP A 248 6.87 -12.28 31.05
N ASN A 249 6.34 -12.71 29.90
CA ASN A 249 5.19 -12.02 29.34
C ASN A 249 3.90 -12.39 30.06
N VAL A 250 3.87 -13.56 30.68
CA VAL A 250 2.68 -13.98 31.42
C VAL A 250 2.59 -13.13 32.67
N ILE A 251 3.71 -12.99 33.38
CA ILE A 251 3.75 -12.18 34.58
C ILE A 251 3.48 -10.74 34.18
N GLY A 252 4.10 -10.31 33.08
CA GLY A 252 3.89 -8.96 32.59
C GLY A 252 2.46 -8.68 32.20
N GLU A 253 1.75 -9.67 31.69
CA GLU A 253 0.35 -9.49 31.32
C GLU A 253 -0.56 -9.51 32.54
N THR A 254 -0.16 -10.27 33.56
CA THR A 254 -0.95 -10.37 34.78
C THR A 254 -1.02 -8.98 35.39
N ILE A 255 0.10 -8.28 35.38
CA ILE A 255 0.17 -6.94 35.95
C ILE A 255 -0.43 -5.85 35.04
N ILE A 256 -0.06 -5.82 33.77
CA ILE A 256 -0.63 -4.82 32.87
C ILE A 256 -2.15 -4.97 32.92
N LYS A 257 -2.64 -6.19 32.88
CA LYS A 257 -4.08 -6.41 32.93
C LYS A 257 -4.67 -5.90 34.24
N PHE A 258 -3.90 -6.03 35.31
CA PHE A 258 -4.35 -5.61 36.64
C PHE A 258 -4.45 -4.10 36.72
N LEU A 259 -3.33 -3.44 36.45
CA LEU A 259 -3.27 -1.99 36.50
C LEU A 259 -4.24 -1.31 35.53
N THR A 260 -4.60 -2.00 34.44
CA THR A 260 -5.50 -1.39 33.47
C THR A 260 -6.86 -1.10 34.08
N ALA A 261 -7.21 -1.87 35.11
CA ALA A 261 -8.48 -1.70 35.79
C ALA A 261 -8.62 -0.30 36.37
N LEU A 262 -7.56 0.48 36.34
CA LEU A 262 -7.62 1.85 36.86
C LEU A 262 -8.55 2.68 35.97
N SER A 263 -8.94 2.09 34.84
CA SER A 263 -9.82 2.78 33.90
C SER A 263 -11.24 3.00 34.44
N PHE A 264 -11.71 2.10 35.29
CA PHE A 264 -13.07 2.22 35.85
C PHE A 264 -13.20 3.42 36.79
N GLU A 265 -12.08 3.86 37.33
CA GLU A 265 -12.05 5.01 38.21
C GLU A 265 -12.74 4.83 39.57
N HIS A 266 -12.68 3.63 40.12
CA HIS A 266 -13.25 3.38 41.45
C HIS A 266 -12.31 4.10 42.43
N SER A 267 -12.85 4.91 43.32
CA SER A 267 -11.96 5.58 44.25
C SER A 267 -11.31 4.56 45.19
N PHE A 268 -10.07 4.83 45.56
CA PHE A 268 -9.37 3.96 46.49
C PHE A 268 -9.98 4.30 47.86
N LYS A 269 -10.56 3.30 48.55
CA LYS A 269 -11.16 3.51 49.89
C LYS A 269 -10.09 2.98 50.84
N ASN A 270 -9.36 3.85 51.52
CA ASN A 270 -8.30 3.35 52.37
C ASN A 270 -8.50 3.52 53.88
N LYS A 271 -9.75 3.51 54.32
CA LYS A 271 -10.05 3.62 55.75
C LYS A 271 -9.53 2.34 56.38
N ASN A 272 -8.57 2.48 57.31
CA ASN A 272 -7.96 1.34 57.99
C ASN A 272 -7.14 0.55 56.96
N ASN A 273 -6.57 1.27 56.01
CA ASN A 273 -5.76 0.66 54.95
C ASN A 273 -6.41 -0.53 54.29
N LYS A 274 -7.71 -0.47 54.01
CA LYS A 274 -8.32 -1.62 53.37
C LYS A 274 -7.90 -1.73 51.89
N PHE A 275 -7.60 -0.61 51.25
CA PHE A 275 -7.16 -0.66 49.86
C PHE A 275 -5.80 -1.34 49.86
N LEU A 276 -4.89 -0.76 50.63
CA LEU A 276 -3.55 -1.29 50.77
C LEU A 276 -3.58 -2.77 51.08
N GLU A 277 -4.40 -3.15 52.07
CA GLU A 277 -4.50 -4.54 52.46
C GLU A 277 -4.98 -5.42 51.33
N ALA A 278 -5.91 -4.88 50.55
CA ALA A 278 -6.44 -5.63 49.41
C ALA A 278 -5.30 -5.80 48.39
N MET A 279 -4.52 -4.74 48.21
CA MET A 279 -3.39 -4.79 47.30
C MET A 279 -2.32 -5.78 47.74
N LYS A 280 -1.96 -5.74 49.03
CA LYS A 280 -0.94 -6.66 49.53
C LYS A 280 -1.42 -8.11 49.34
N ARG A 281 -2.73 -8.32 49.52
CA ARG A 281 -3.29 -9.65 49.35
C ARG A 281 -3.07 -10.12 47.92
N ASP A 282 -3.67 -9.41 46.96
CA ASP A 282 -3.50 -9.76 45.54
C ASP A 282 -2.01 -9.92 45.21
N PHE A 283 -1.20 -8.95 45.62
CA PHE A 283 0.23 -9.01 45.36
C PHE A 283 0.83 -10.35 45.80
N GLU A 284 0.43 -10.81 46.99
CA GLU A 284 0.94 -12.07 47.53
C GLU A 284 0.47 -13.29 46.75
N ILE A 285 -0.75 -13.25 46.26
CA ILE A 285 -1.27 -14.36 45.50
C ILE A 285 -0.48 -14.52 44.20
N PHE A 286 -0.31 -13.43 43.46
CA PHE A 286 0.41 -13.49 42.20
C PHE A 286 1.86 -13.82 42.48
N TYR A 287 2.41 -13.16 43.49
CA TYR A 287 3.80 -13.39 43.85
C TYR A 287 4.08 -14.87 44.10
N GLN A 288 3.26 -15.51 44.94
CA GLN A 288 3.44 -16.92 45.24
C GLN A 288 3.25 -17.80 44.02
N LEU A 289 2.29 -17.46 43.17
CA LEU A 289 2.04 -18.23 41.96
C LEU A 289 3.29 -18.39 41.11
N PHE A 290 3.90 -17.26 40.75
CA PHE A 290 5.10 -17.31 39.91
C PHE A 290 6.36 -17.75 40.60
N VAL A 291 6.46 -17.52 41.91
CA VAL A 291 7.65 -17.96 42.63
C VAL A 291 7.63 -19.48 42.59
N LYS A 292 6.42 -20.05 42.54
CA LYS A 292 6.26 -21.49 42.48
C LYS A 292 6.52 -21.99 41.06
N VAL A 293 5.93 -21.32 40.08
CA VAL A 293 6.13 -21.70 38.69
C VAL A 293 7.61 -21.62 38.32
N LEU A 294 8.27 -20.58 38.81
CA LEU A 294 9.67 -20.36 38.48
C LEU A 294 10.62 -21.07 39.41
N ASP A 295 10.11 -22.07 40.12
CA ASP A 295 10.92 -22.83 41.07
C ASP A 295 12.13 -23.47 40.40
N GLY A 296 13.31 -23.22 40.95
CA GLY A 296 14.50 -23.80 40.37
C GLY A 296 15.07 -23.05 39.18
N ASN A 297 14.27 -22.20 38.54
CA ASN A 297 14.72 -21.42 37.38
C ASN A 297 15.66 -20.30 37.81
N GLU A 298 16.75 -20.14 37.07
CA GLU A 298 17.75 -19.13 37.39
C GLU A 298 17.26 -17.70 37.15
N SER A 299 16.28 -17.52 36.28
CA SER A 299 15.78 -16.19 35.99
C SER A 299 14.72 -15.73 37.00
N LYS A 300 14.21 -16.66 37.79
CA LYS A 300 13.18 -16.34 38.79
C LYS A 300 13.30 -14.98 39.48
N ASP A 301 14.38 -14.73 40.22
CA ASP A 301 14.50 -13.46 40.92
C ASP A 301 14.43 -12.23 40.03
N THR A 302 15.01 -12.30 38.85
CA THR A 302 15.00 -11.19 37.91
C THR A 302 13.58 -11.00 37.37
N LEU A 303 12.97 -12.10 36.94
CA LEU A 303 11.62 -12.06 36.39
C LEU A 303 10.60 -11.51 37.39
N ILE A 304 10.72 -11.96 38.64
CA ILE A 304 9.82 -11.52 39.70
C ILE A 304 10.01 -10.03 39.96
N THR A 305 11.26 -9.62 40.16
CA THR A 305 11.59 -8.23 40.46
C THR A 305 11.29 -7.20 39.37
N GLN A 306 11.73 -7.45 38.13
CA GLN A 306 11.51 -6.49 37.07
C GLN A 306 10.02 -6.28 36.82
N ASN A 307 9.22 -7.26 37.23
CA ASN A 307 7.79 -7.17 37.03
C ASN A 307 6.97 -6.71 38.22
N PHE A 308 7.23 -7.28 39.39
CA PHE A 308 6.44 -6.92 40.57
C PHE A 308 6.69 -5.55 41.16
N THR A 309 7.87 -4.98 40.90
CA THR A 309 8.20 -3.69 41.45
C THR A 309 7.16 -2.62 41.15
N VAL A 310 6.71 -2.51 39.90
CA VAL A 310 5.71 -1.50 39.60
C VAL A 310 4.49 -1.65 40.53
N MET A 311 4.17 -2.87 40.95
CA MET A 311 3.03 -3.06 41.87
C MET A 311 3.31 -2.29 43.17
N GLU A 312 4.56 -2.30 43.61
CA GLU A 312 4.93 -1.60 44.84
C GLU A 312 4.91 -0.08 44.65
N PHE A 313 5.36 0.40 43.49
CA PHE A 313 5.30 1.84 43.26
C PHE A 313 3.85 2.24 43.16
N PHE A 314 3.05 1.34 42.62
CA PHE A 314 1.63 1.61 42.50
C PHE A 314 0.99 1.78 43.90
N MET A 315 1.27 0.87 44.82
CA MET A 315 0.69 0.97 46.15
C MET A 315 1.09 2.30 46.78
N ASP A 316 2.35 2.69 46.61
CA ASP A 316 2.86 3.93 47.17
C ASP A 316 2.26 5.18 46.55
N LEU A 317 2.22 5.21 45.21
CA LEU A 317 1.66 6.36 44.53
C LEU A 317 0.20 6.51 44.91
N SER A 318 -0.43 5.40 45.28
CA SER A 318 -1.84 5.40 45.65
C SER A 318 -2.17 5.77 47.10
N CYS A 319 -1.28 5.43 48.04
CA CYS A 319 -1.58 5.69 49.45
C CYS A 319 -0.74 6.71 50.22
N GLU A 320 0.53 6.82 49.90
CA GLU A 320 1.38 7.79 50.60
C GLU A 320 0.86 9.23 50.55
N PRO A 321 1.38 10.09 51.44
CA PRO A 321 0.94 11.49 51.46
C PRO A 321 1.15 12.13 50.09
N ILE A 322 0.26 13.06 49.73
CA ILE A 322 0.36 13.77 48.46
C ILE A 322 1.71 14.49 48.34
N ASP A 323 2.23 14.99 49.45
CA ASP A 323 3.49 15.71 49.44
C ASP A 323 4.71 14.87 49.02
N SER A 324 4.59 13.56 49.06
CA SER A 324 5.70 12.70 48.69
C SER A 324 5.51 11.99 47.35
N ILE A 325 4.40 12.23 46.67
CA ILE A 325 4.11 11.58 45.39
C ILE A 325 5.22 11.72 44.33
N LEU A 326 5.75 12.92 44.15
CA LEU A 326 6.78 13.14 43.16
C LEU A 326 8.09 12.47 43.51
N ASP A 327 8.48 12.45 44.77
CA ASP A 327 9.73 11.78 45.11
C ASP A 327 9.58 10.31 44.72
N ILE A 328 8.40 9.75 44.96
CA ILE A 328 8.11 8.37 44.63
C ILE A 328 8.14 8.20 43.11
N TRP A 329 7.57 9.17 42.40
CA TRP A 329 7.53 9.10 40.95
C TRP A 329 8.94 9.12 40.37
N GLN A 330 9.83 9.90 40.99
CA GLN A 330 11.20 9.95 40.52
C GLN A 330 11.81 8.57 40.69
N LYS A 331 11.73 8.04 41.90
CA LYS A 331 12.27 6.72 42.22
C LYS A 331 11.65 5.67 41.31
N TYR A 332 10.40 5.89 40.91
CA TYR A 332 9.70 4.98 40.00
C TYR A 332 10.39 5.04 38.65
N LEU A 333 10.55 6.24 38.11
CA LEU A 333 11.18 6.43 36.80
C LEU A 333 12.55 5.78 36.70
N GLU A 334 13.31 5.82 37.79
CA GLU A 334 14.63 5.21 37.80
C GLU A 334 14.61 3.73 37.42
N VAL A 335 13.48 3.08 37.66
CA VAL A 335 13.35 1.66 37.33
C VAL A 335 12.66 1.52 35.99
N TYR A 336 11.56 2.23 35.82
CA TYR A 336 10.81 2.16 34.57
C TYR A 336 11.01 3.42 33.76
N TRP A 337 12.24 3.59 33.29
CA TRP A 337 12.64 4.75 32.52
C TRP A 337 11.82 5.00 31.27
N ASP A 338 11.30 3.94 30.67
CA ASP A 338 10.50 4.03 29.45
C ASP A 338 9.00 4.17 29.70
N SER A 339 8.62 4.43 30.94
CA SER A 339 7.21 4.55 31.29
C SER A 339 6.51 5.78 30.74
N ARG A 340 5.20 5.68 30.50
CA ARG A 340 4.44 6.83 30.04
C ARG A 340 3.99 7.55 31.33
N ILE A 341 3.22 8.62 31.19
CA ILE A 341 2.75 9.35 32.36
C ILE A 341 1.40 8.75 32.75
N ASP A 342 0.86 7.92 31.87
CA ASP A 342 -0.45 7.31 32.05
C ASP A 342 -0.75 6.67 33.41
N LEU A 343 0.16 5.87 33.95
CA LEU A 343 -0.10 5.21 35.23
C LEU A 343 -0.38 6.20 36.37
N LEU A 344 0.39 7.30 36.41
CA LEU A 344 0.20 8.29 37.46
C LEU A 344 -1.14 9.00 37.28
N VAL A 345 -1.47 9.31 36.04
CA VAL A 345 -2.73 9.98 35.80
C VAL A 345 -3.85 9.13 36.36
N GLY A 346 -3.87 7.86 35.97
CA GLY A 346 -4.91 6.95 36.43
C GLY A 346 -4.99 6.78 37.94
N ILE A 347 -3.82 6.71 38.58
CA ILE A 347 -3.75 6.55 40.01
C ILE A 347 -4.36 7.75 40.68
N LEU A 348 -3.85 8.94 40.36
CA LEU A 348 -4.38 10.16 40.94
C LEU A 348 -5.88 10.31 40.79
N LYS A 349 -6.43 9.93 39.64
CA LYS A 349 -7.88 10.06 39.46
C LYS A 349 -8.72 9.19 40.40
N CYS A 350 -8.09 8.22 41.05
CA CYS A 350 -8.82 7.35 41.95
C CYS A 350 -8.59 7.81 43.38
N ARG A 351 -7.74 8.81 43.51
CA ARG A 351 -7.37 9.41 44.78
C ARG A 351 -8.41 10.43 45.25
N LYS A 352 -9.08 10.13 46.36
CA LYS A 352 -10.10 11.00 46.92
C LYS A 352 -9.50 12.27 47.52
N ASP A 353 -8.23 12.23 47.87
CA ASP A 353 -7.61 13.39 48.47
C ASP A 353 -6.83 14.29 47.51
N VAL A 354 -7.09 14.13 46.21
CA VAL A 354 -6.42 14.95 45.21
C VAL A 354 -7.46 15.65 44.33
N SER A 355 -7.50 16.98 44.37
CA SER A 355 -8.47 17.69 43.55
C SER A 355 -8.00 17.74 42.09
N SER A 356 -8.92 18.10 41.19
CA SER A 356 -8.60 18.22 39.76
C SER A 356 -7.38 19.09 39.59
N SER A 357 -7.47 20.31 40.10
CA SER A 357 -6.39 21.26 39.97
C SER A 357 -5.10 20.69 40.54
N GLU A 358 -5.18 19.94 41.64
CA GLU A 358 -3.98 19.36 42.23
C GLU A 358 -3.43 18.26 41.33
N ARG A 359 -4.32 17.60 40.61
CA ARG A 359 -3.90 16.54 39.72
C ARG A 359 -3.11 17.16 38.57
N LYS A 360 -3.66 18.22 37.98
CA LYS A 360 -2.99 18.91 36.88
C LYS A 360 -1.58 19.34 37.25
N LYS A 361 -1.42 19.97 38.39
CA LYS A 361 -0.07 20.39 38.76
C LYS A 361 0.87 19.19 38.94
N ILE A 362 0.41 18.15 39.63
CA ILE A 362 1.26 16.98 39.86
C ILE A 362 1.66 16.32 38.54
N VAL A 363 0.71 16.18 37.63
CA VAL A 363 0.99 15.58 36.35
C VAL A 363 2.02 16.43 35.56
N GLN A 364 1.76 17.73 35.45
CA GLN A 364 2.67 18.63 34.74
C GLN A 364 4.07 18.35 35.24
N GLN A 365 4.27 18.50 36.55
CA GLN A 365 5.58 18.24 37.10
C GLN A 365 6.05 16.84 36.73
N ALA A 366 5.30 15.81 37.13
CA ALA A 366 5.66 14.42 36.83
C ALA A 366 6.07 14.22 35.38
N THR A 367 5.32 14.82 34.46
CA THR A 367 5.63 14.71 33.04
C THR A 367 7.03 15.29 32.78
N GLU A 368 7.31 16.45 33.38
CA GLU A 368 8.59 17.09 33.24
C GLU A 368 9.73 16.20 33.75
N MET A 369 9.52 15.57 34.91
CA MET A 369 10.55 14.69 35.48
C MET A 369 10.86 13.53 34.53
N LEU A 370 9.86 13.17 33.73
CA LEU A 370 9.96 12.06 32.79
C LEU A 370 10.98 12.35 31.69
N HIS A 371 10.75 13.45 30.97
CA HIS A 371 11.64 13.86 29.88
C HIS A 371 13.01 14.21 30.43
N GLU A 372 13.01 14.94 31.53
CA GLU A 372 14.25 15.32 32.19
C GLU A 372 15.11 14.08 32.39
N TYR A 373 14.50 13.00 32.86
CA TYR A 373 15.21 11.75 33.10
C TYR A 373 15.78 11.08 31.85
N ARG A 374 14.98 11.03 30.78
CA ARG A 374 15.43 10.39 29.56
C ARG A 374 16.48 11.28 28.90
N ARG A 375 16.11 12.54 28.70
CA ARG A 375 16.98 13.52 28.12
C ARG A 375 18.33 13.44 28.85
N ASN A 376 18.28 13.36 30.16
CA ASN A 376 19.49 13.27 30.97
C ASN A 376 20.23 11.97 30.72
N MET A 377 19.49 10.93 30.33
CA MET A 377 20.10 9.63 30.06
C MET A 377 20.94 9.68 28.79
N GLU A 378 20.43 10.33 27.75
CA GLU A 378 21.18 10.45 26.51
C GLU A 378 22.48 11.18 26.74
N ALA A 379 22.38 12.33 27.39
CA ALA A 379 23.55 13.15 27.67
C ALA A 379 24.65 12.29 28.29
N ASN A 380 24.32 11.54 29.33
CA ASN A 380 25.32 10.68 29.99
C ASN A 380 25.57 9.41 29.18
N GLY A 381 24.91 9.30 28.03
CA GLY A 381 25.07 8.12 27.21
C GLY A 381 24.61 6.87 27.92
N VAL A 382 23.46 6.95 28.58
CA VAL A 382 22.92 5.80 29.31
C VAL A 382 21.96 5.02 28.44
N ASP A 383 22.29 3.75 28.26
CA ASP A 383 21.47 2.83 27.48
C ASP A 383 20.96 1.77 28.43
N ARG A 384 19.68 1.43 28.29
CA ARG A 384 19.04 0.42 29.12
C ARG A 384 18.00 -0.30 28.29
N GLU A 385 17.72 -1.54 28.64
CA GLU A 385 16.75 -2.33 27.90
C GLU A 385 15.35 -1.99 28.36
N PRO A 386 14.35 -2.17 27.48
CA PRO A 386 12.95 -1.88 27.78
C PRO A 386 12.44 -2.54 29.06
N THR A 387 11.37 -1.98 29.61
CA THR A 387 10.75 -2.54 30.81
C THR A 387 9.30 -2.84 30.52
N LEU A 388 8.64 -3.40 31.52
CA LEU A 388 7.24 -3.79 31.43
C LEU A 388 6.34 -2.62 31.03
N MET A 389 6.59 -1.48 31.67
CA MET A 389 5.80 -0.29 31.48
C MET A 389 5.90 0.45 30.17
N ARG A 390 6.76 0.00 29.27
CA ARG A 390 6.86 0.68 27.99
C ARG A 390 5.53 0.52 27.28
N ARG A 391 4.80 -0.54 27.59
CA ARG A 391 3.54 -0.78 26.92
C ARG A 391 2.26 -0.50 27.70
N PHE A 392 2.36 -0.06 28.95
CA PHE A 392 1.14 0.23 29.69
C PHE A 392 0.57 1.52 29.12
N VAL A 393 -0.72 1.47 28.80
CA VAL A 393 -1.40 2.61 28.22
C VAL A 393 -2.76 2.82 28.85
N LEU A 394 -3.07 4.08 29.15
CA LEU A 394 -4.35 4.43 29.73
C LEU A 394 -4.72 5.78 29.16
N GLU A 395 -5.61 5.75 28.17
CA GLU A 395 -6.07 6.95 27.47
C GLU A 395 -6.61 8.05 28.38
N PHE A 396 -6.01 9.23 28.31
CA PHE A 396 -6.45 10.34 29.13
C PHE A 396 -6.30 11.67 28.41
N GLU A 397 -7.23 12.59 28.70
CA GLU A 397 -7.22 13.92 28.10
C GLU A 397 -6.41 14.89 28.98
N LYS A 398 -5.45 15.58 28.38
CA LYS A 398 -4.62 16.53 29.11
C LYS A 398 -5.49 17.61 29.74
N GLN A 399 -5.18 17.97 30.98
CA GLN A 399 -5.94 18.99 31.70
C GLN A 399 -5.41 20.40 31.39
N GLY B 1 40.67 35.89 0.31
CA GLY B 1 40.30 34.94 1.40
C GLY B 1 41.50 34.23 2.00
N SER B 2 41.28 33.48 3.07
CA SER B 2 42.36 32.75 3.71
C SER B 2 42.46 31.30 3.24
N HIS B 3 43.63 30.70 3.45
CA HIS B 3 43.83 29.31 3.04
C HIS B 3 42.83 28.40 3.72
N MET B 4 42.27 27.48 2.93
CA MET B 4 41.33 26.49 3.43
C MET B 4 41.92 25.12 3.11
N GLY B 5 41.89 24.22 4.09
CA GLY B 5 42.40 22.87 3.87
C GLY B 5 41.39 22.08 3.04
N ASP B 6 41.82 21.03 2.36
CA ASP B 6 40.90 20.27 1.55
C ASP B 6 39.72 19.71 2.34
N LYS B 7 39.91 19.48 3.64
CA LYS B 7 38.83 18.97 4.50
C LYS B 7 37.75 20.03 4.69
N GLU B 8 38.17 21.26 4.99
CA GLU B 8 37.22 22.34 5.20
C GLU B 8 36.50 22.79 3.91
N LYS B 9 37.21 22.83 2.79
CA LYS B 9 36.60 23.22 1.50
C LYS B 9 35.39 22.32 1.21
N GLU B 10 35.61 21.02 1.33
CA GLU B 10 34.56 20.03 1.08
C GLU B 10 33.42 20.16 2.07
N THR B 11 33.74 20.49 3.32
CA THR B 11 32.70 20.68 4.31
C THR B 11 31.92 21.92 3.88
N LEU B 12 32.62 22.93 3.38
CA LEU B 12 31.97 24.17 2.95
C LEU B 12 31.03 23.88 1.78
N PHE B 13 31.57 23.25 0.73
CA PHE B 13 30.79 22.89 -0.45
C PHE B 13 29.55 22.11 -0.02
N LYS B 14 29.73 21.16 0.88
CA LYS B 14 28.62 20.35 1.35
C LYS B 14 27.57 21.24 2.02
N ASP B 15 28.03 22.11 2.92
CA ASP B 15 27.13 23.01 3.64
C ASP B 15 26.42 23.97 2.73
N TYR B 16 27.13 24.48 1.74
CA TYR B 16 26.58 25.43 0.79
C TYR B 16 25.47 24.79 -0.02
N LEU B 17 25.70 23.57 -0.52
CA LEU B 17 24.69 22.88 -1.30
C LEU B 17 23.42 22.69 -0.47
N ASN B 18 23.59 22.19 0.75
CA ASN B 18 22.47 21.95 1.65
C ASN B 18 21.60 23.19 1.76
N LEU B 19 22.22 24.34 2.04
CA LEU B 19 21.47 25.58 2.18
C LEU B 19 20.70 25.93 0.91
N ILE B 20 21.39 25.87 -0.22
CA ILE B 20 20.76 26.17 -1.50
C ILE B 20 19.55 25.28 -1.72
N VAL B 21 19.78 24.00 -1.51
CA VAL B 21 18.78 22.98 -1.68
C VAL B 21 17.56 23.14 -0.75
N VAL B 22 17.79 23.50 0.50
CA VAL B 22 16.70 23.70 1.44
C VAL B 22 15.94 24.95 1.02
N LYS B 23 16.67 25.89 0.43
CA LYS B 23 16.09 27.14 -0.04
C LYS B 23 15.09 26.85 -1.13
N MET B 24 15.46 25.96 -2.04
CA MET B 24 14.61 25.60 -3.17
C MET B 24 13.32 24.94 -2.72
N THR B 25 13.44 23.92 -1.87
CA THR B 25 12.26 23.23 -1.37
C THR B 25 11.27 24.20 -0.74
N GLU B 26 11.76 25.16 0.02
CA GLU B 26 10.86 26.12 0.65
C GLU B 26 10.25 27.03 -0.41
N TRP B 27 11.07 27.49 -1.35
CA TRP B 27 10.61 28.38 -2.42
C TRP B 27 9.53 27.76 -3.31
N ILE B 28 9.82 26.63 -3.93
CA ILE B 28 8.85 25.98 -4.80
C ILE B 28 7.58 25.71 -4.02
N GLY B 29 7.73 25.50 -2.72
CA GLY B 29 6.58 25.24 -1.87
C GLY B 29 5.65 26.43 -1.80
N ASN B 30 6.21 27.63 -1.70
CA ASN B 30 5.40 28.83 -1.63
C ASN B 30 4.88 29.13 -3.04
N LEU B 31 5.68 28.76 -4.03
CA LEU B 31 5.29 28.97 -5.42
C LEU B 31 4.03 28.16 -5.70
N GLU B 32 4.00 26.95 -5.19
CA GLU B 32 2.87 26.05 -5.39
C GLU B 32 1.57 26.66 -4.85
N LYS B 33 1.62 27.16 -3.62
CA LYS B 33 0.44 27.74 -2.98
C LYS B 33 -0.17 28.92 -3.73
N ALA B 34 0.67 29.83 -4.21
CA ALA B 34 0.19 31.00 -4.92
C ALA B 34 -0.20 30.61 -6.35
N GLU B 35 0.42 29.55 -6.83
CA GLU B 35 0.20 29.03 -8.17
C GLU B 35 -1.16 28.35 -8.26
N PHE B 36 -1.52 27.63 -7.20
CA PHE B 36 -2.80 26.94 -7.17
C PHE B 36 -3.92 27.94 -6.87
N ASP B 37 -3.57 28.99 -6.12
CA ASP B 37 -4.54 30.03 -5.80
C ASP B 37 -4.93 30.77 -7.07
N VAL B 38 -3.98 30.90 -7.99
CA VAL B 38 -4.26 31.55 -9.25
C VAL B 38 -5.16 30.64 -10.09
N PHE B 39 -4.95 29.34 -9.93
CA PHE B 39 -5.69 28.31 -10.65
C PHE B 39 -7.09 28.07 -10.06
N LEU B 40 -7.14 27.99 -8.72
CA LEU B 40 -8.38 27.74 -7.99
C LEU B 40 -9.35 28.91 -8.04
N GLU B 41 -8.82 30.12 -8.09
CA GLU B 41 -9.63 31.33 -8.13
C GLU B 41 -9.26 32.10 -9.39
N ARG B 42 -9.72 31.61 -10.53
CA ARG B 42 -9.42 32.25 -11.80
C ARG B 42 -10.08 33.63 -11.85
N SER B 43 -9.61 34.55 -11.01
CA SER B 43 -10.16 35.89 -10.95
C SER B 43 -9.94 36.63 -12.25
N THR B 44 -8.82 36.37 -12.90
CA THR B 44 -8.49 36.98 -14.17
C THR B 44 -8.15 35.87 -15.15
N PRO B 45 -8.26 36.14 -16.46
CA PRO B 45 -7.94 35.10 -17.44
C PRO B 45 -6.44 34.94 -17.64
N PRO B 46 -5.98 33.74 -18.00
CA PRO B 46 -4.56 33.48 -18.21
C PRO B 46 -3.98 34.50 -19.18
N HIS B 47 -2.70 34.80 -19.03
CA HIS B 47 -2.04 35.75 -19.91
C HIS B 47 -1.82 35.03 -21.22
N SER B 48 -1.45 35.78 -22.24
CA SER B 48 -1.21 35.23 -23.56
C SER B 48 0.16 35.74 -24.01
N ASP B 49 0.98 34.85 -24.57
CA ASP B 49 2.32 35.25 -24.99
C ASP B 49 2.38 35.74 -26.43
N SER B 50 3.59 35.69 -26.98
CA SER B 50 3.88 36.13 -28.35
C SER B 50 2.95 35.51 -29.40
N ASP B 51 3.02 34.20 -29.53
CA ASP B 51 2.22 33.45 -30.51
C ASP B 51 0.74 33.47 -30.22
N GLY B 52 0.39 33.72 -28.95
CA GLY B 52 -1.01 33.76 -28.56
C GLY B 52 -1.34 32.67 -27.57
N LEU B 53 -0.35 31.82 -27.28
CA LEU B 53 -0.54 30.70 -26.35
C LEU B 53 -0.79 31.18 -24.94
N LEU B 54 -1.70 30.52 -24.23
CA LEU B 54 -2.00 30.89 -22.85
C LEU B 54 -0.94 30.28 -21.93
N PHE B 55 -0.70 30.93 -20.80
CA PHE B 55 0.28 30.43 -19.82
C PHE B 55 0.02 31.00 -18.44
N LEU B 56 0.68 30.42 -17.43
CA LEU B 56 0.50 30.89 -16.07
C LEU B 56 1.85 31.27 -15.49
N ASP B 57 1.82 32.14 -14.47
CA ASP B 57 3.04 32.61 -13.82
C ASP B 57 3.79 31.48 -13.13
N GLY B 58 3.07 30.67 -12.36
CA GLY B 58 3.69 29.56 -11.66
C GLY B 58 4.86 28.95 -12.40
N THR B 59 4.62 28.45 -13.61
CA THR B 59 5.68 27.84 -14.41
C THR B 59 6.74 28.87 -14.76
N LYS B 60 6.34 30.13 -14.93
CA LYS B 60 7.30 31.17 -15.26
C LYS B 60 8.27 31.44 -14.10
N THR B 61 7.72 31.80 -12.94
CA THR B 61 8.53 32.08 -11.76
C THR B 61 9.42 30.89 -11.44
N CYS B 62 8.84 29.70 -11.52
CA CYS B 62 9.55 28.45 -11.23
C CYS B 62 10.89 28.33 -11.95
N PHE B 63 10.86 28.43 -13.26
CA PHE B 63 12.09 28.30 -14.04
C PHE B 63 12.98 29.53 -14.04
N GLN B 64 12.51 30.60 -13.43
CA GLN B 64 13.32 31.80 -13.33
C GLN B 64 14.21 31.62 -12.11
N MET B 65 13.62 31.16 -11.01
CA MET B 65 14.39 30.91 -9.80
C MET B 65 15.54 29.97 -10.13
N PHE B 66 15.20 28.85 -10.74
CA PHE B 66 16.16 27.83 -11.09
C PHE B 66 17.31 28.34 -11.94
N THR B 67 16.99 29.09 -12.99
CA THR B 67 18.02 29.63 -13.87
C THR B 67 19.08 30.29 -13.00
N GLN B 68 18.63 31.09 -12.02
CA GLN B 68 19.54 31.78 -11.13
C GLN B 68 20.37 30.77 -10.32
N GLN B 69 19.68 29.91 -9.58
CA GLN B 69 20.36 28.90 -8.78
C GLN B 69 21.38 28.09 -9.56
N VAL B 70 21.00 27.52 -10.70
CA VAL B 70 21.97 26.73 -11.48
C VAL B 70 23.13 27.57 -11.93
N GLU B 71 22.85 28.84 -12.22
CA GLU B 71 23.87 29.77 -12.65
C GLU B 71 24.94 29.86 -11.56
N VAL B 72 24.49 30.18 -10.36
CA VAL B 72 25.39 30.31 -9.23
C VAL B 72 26.07 28.98 -8.92
N ALA B 73 25.29 27.91 -8.87
CA ALA B 73 25.85 26.59 -8.58
C ALA B 73 26.96 26.24 -9.57
N ALA B 74 26.72 26.49 -10.85
CA ALA B 74 27.71 26.20 -11.89
C ALA B 74 28.94 27.10 -11.74
N GLY B 75 28.71 28.30 -11.21
CA GLY B 75 29.80 29.24 -11.00
C GLY B 75 30.85 28.72 -10.03
N THR B 76 30.42 27.95 -9.04
CA THR B 76 31.36 27.39 -8.06
C THR B 76 32.30 26.39 -8.74
N ASN B 77 31.86 25.86 -9.86
CA ASN B 77 32.61 24.87 -10.62
C ASN B 77 32.76 23.54 -9.87
N GLN B 78 31.85 23.28 -8.94
CA GLN B 78 31.91 22.01 -8.21
C GLN B 78 30.81 21.11 -8.76
N ALA B 79 31.20 20.13 -9.57
CA ALA B 79 30.25 19.20 -10.17
C ALA B 79 29.15 18.78 -9.19
N LYS B 80 29.56 18.33 -8.00
CA LYS B 80 28.59 17.88 -7.00
C LYS B 80 27.58 18.93 -6.60
N ILE B 81 27.98 20.21 -6.55
CA ILE B 81 27.06 21.27 -6.19
C ILE B 81 26.03 21.46 -7.31
N LEU B 82 26.50 21.52 -8.56
CA LEU B 82 25.62 21.69 -9.71
C LEU B 82 24.65 20.51 -9.84
N VAL B 83 25.17 19.29 -9.80
CA VAL B 83 24.34 18.10 -9.90
C VAL B 83 23.36 18.04 -8.74
N GLY B 84 23.80 18.51 -7.57
CA GLY B 84 22.94 18.52 -6.39
C GLY B 84 21.76 19.44 -6.57
N VAL B 85 21.98 20.57 -7.23
CA VAL B 85 20.92 21.53 -7.48
C VAL B 85 19.98 20.98 -8.55
N VAL B 86 20.56 20.39 -9.60
CA VAL B 86 19.74 19.84 -10.67
C VAL B 86 18.90 18.71 -10.10
N GLU B 87 19.49 17.92 -9.20
CA GLU B 87 18.76 16.82 -8.60
C GLU B 87 17.56 17.31 -7.80
N ARG B 88 17.81 18.23 -6.86
CA ARG B 88 16.75 18.78 -6.03
C ARG B 88 15.63 19.37 -6.87
N PHE B 89 15.97 20.08 -7.94
CA PHE B 89 14.96 20.68 -8.82
C PHE B 89 14.16 19.59 -9.55
N SER B 90 14.85 18.61 -10.09
CA SER B 90 14.20 17.50 -10.78
C SER B 90 13.20 16.84 -9.85
N ASP B 91 13.67 16.52 -8.65
CA ASP B 91 12.79 15.89 -7.67
C ASP B 91 11.60 16.77 -7.32
N LEU B 92 11.82 18.08 -7.21
CA LEU B 92 10.73 18.97 -6.87
C LEU B 92 9.72 19.09 -8.02
N LEU B 93 10.23 19.20 -9.25
CA LEU B 93 9.35 19.30 -10.42
C LEU B 93 8.42 18.09 -10.50
N THR B 94 8.97 16.90 -10.28
CA THR B 94 8.20 15.68 -10.32
C THR B 94 7.08 15.70 -9.29
N LYS B 95 7.41 16.08 -8.07
CA LYS B 95 6.40 16.16 -7.01
C LYS B 95 5.36 17.22 -7.40
N ARG B 96 5.82 18.33 -7.98
CA ARG B 96 4.94 19.40 -8.41
C ARG B 96 4.00 18.84 -9.47
N GLN B 97 4.56 18.05 -10.37
CA GLN B 97 3.78 17.41 -11.43
C GLN B 97 2.66 16.61 -10.81
N LYS B 98 3.00 15.76 -9.85
CA LYS B 98 2.00 14.95 -9.18
C LYS B 98 0.93 15.84 -8.55
N ASN B 99 1.36 16.85 -7.80
CA ASN B 99 0.43 17.75 -7.13
C ASN B 99 -0.55 18.44 -8.08
N TRP B 100 -0.07 18.86 -9.26
CA TRP B 100 -0.95 19.52 -10.22
C TRP B 100 -2.03 18.54 -10.70
N ILE B 101 -1.59 17.35 -11.11
CA ILE B 101 -2.51 16.32 -11.58
C ILE B 101 -3.63 16.12 -10.56
N SER B 102 -3.31 16.34 -9.29
CA SER B 102 -4.30 16.19 -8.23
C SER B 102 -5.24 17.40 -8.20
N LYS B 103 -4.69 18.60 -8.31
CA LYS B 103 -5.49 19.82 -8.29
C LYS B 103 -6.39 19.88 -9.51
N ILE B 104 -5.84 19.52 -10.67
CA ILE B 104 -6.60 19.52 -11.90
C ILE B 104 -7.85 18.66 -11.77
N SER B 105 -7.66 17.39 -11.43
CA SER B 105 -8.78 16.47 -11.29
C SER B 105 -9.83 16.95 -10.30
N GLU B 106 -9.41 17.71 -9.30
CA GLU B 106 -10.36 18.21 -8.31
C GLU B 106 -11.15 19.40 -8.86
N GLU B 107 -10.54 20.16 -9.75
CA GLU B 107 -11.20 21.31 -10.34
C GLU B 107 -12.22 20.88 -11.37
N ILE B 108 -11.87 19.83 -12.13
CA ILE B 108 -12.75 19.29 -13.13
C ILE B 108 -13.91 18.63 -12.41
N LYS B 109 -13.60 17.92 -11.33
CA LYS B 109 -14.63 17.26 -10.56
C LYS B 109 -15.59 18.29 -9.97
N LYS B 110 -15.06 19.41 -9.49
CA LYS B 110 -15.87 20.46 -8.90
C LYS B 110 -16.67 21.19 -9.98
N GLN B 111 -16.06 21.38 -11.15
CA GLN B 111 -16.71 22.05 -12.26
C GLN B 111 -17.93 21.23 -12.68
N ILE B 112 -17.68 19.97 -13.05
CA ILE B 112 -18.76 19.08 -13.47
C ILE B 112 -19.90 19.11 -12.45
N ASN B 113 -19.56 19.01 -11.16
CA ASN B 113 -20.59 19.05 -10.13
C ASN B 113 -21.27 20.41 -10.12
N TYR B 114 -20.50 21.46 -10.44
CA TYR B 114 -21.05 22.80 -10.45
C TYR B 114 -22.13 22.95 -11.51
N ASN B 115 -22.13 22.06 -12.49
CA ASN B 115 -23.10 22.08 -13.56
C ASN B 115 -24.32 21.24 -13.21
N HIS B 116 -24.08 20.09 -12.59
CA HIS B 116 -25.16 19.20 -12.19
C HIS B 116 -25.89 19.81 -11.00
N LYS B 117 -25.80 21.14 -10.89
CA LYS B 117 -26.46 21.86 -9.82
C LYS B 117 -27.33 22.95 -10.41
N TYR B 118 -26.71 23.89 -11.13
CA TYR B 118 -27.45 24.97 -11.78
C TYR B 118 -28.14 24.39 -13.00
N ASP B 119 -27.76 23.16 -13.35
CA ASP B 119 -28.37 22.47 -14.46
C ASP B 119 -29.45 21.57 -13.90
N ILE B 120 -29.40 21.38 -12.59
CA ILE B 120 -30.38 20.57 -11.86
C ILE B 120 -31.14 21.52 -10.94
N ASP B 121 -31.22 22.77 -11.39
CA ASP B 121 -31.91 23.79 -10.62
C ASP B 121 -30.93 24.52 -9.72
N PRO B 122 -30.58 25.79 -10.03
CA PRO B 122 -29.65 26.59 -9.23
C PRO B 122 -29.98 26.55 -7.74
N GLU B 123 -30.99 25.72 -7.41
CA GLU B 123 -31.46 25.51 -6.06
C GLU B 123 -30.63 24.37 -5.44
N SER B 124 -29.32 24.49 -5.47
CA SER B 124 -28.45 23.47 -4.91
C SER B 124 -26.99 23.87 -5.04
N ILE B 125 -26.69 25.09 -4.52
CA ILE B 125 -25.35 25.66 -4.57
C ILE B 125 -24.90 26.21 -3.22
N THR B 126 -23.85 25.62 -2.66
CA THR B 126 -23.31 26.07 -1.38
C THR B 126 -21.98 26.75 -1.66
N PRO B 127 -21.46 27.53 -0.69
CA PRO B 127 -20.19 28.21 -0.93
C PRO B 127 -19.13 27.22 -1.42
N GLU B 128 -19.34 25.94 -1.07
CA GLU B 128 -18.43 24.90 -1.47
C GLU B 128 -18.70 24.50 -2.91
N ASP B 129 -19.98 24.44 -3.26
CA ASP B 129 -20.41 24.08 -4.61
C ASP B 129 -19.93 25.15 -5.62
N GLU B 130 -19.70 26.35 -5.10
CA GLU B 130 -19.24 27.47 -5.92
C GLU B 130 -18.03 27.12 -6.77
N CYS B 131 -18.16 27.31 -8.08
CA CYS B 131 -17.08 27.02 -8.99
C CYS B 131 -16.88 28.17 -9.99
N PRO B 132 -15.87 29.01 -9.75
CA PRO B 132 -15.65 30.13 -10.67
C PRO B 132 -15.46 29.62 -12.10
N GLY B 133 -15.58 30.52 -13.07
CA GLY B 133 -15.43 30.10 -14.44
C GLY B 133 -14.03 30.32 -14.95
N GLY B 134 -13.83 30.06 -16.24
CA GLY B 134 -12.53 30.22 -16.85
C GLY B 134 -11.70 28.94 -16.87
N LEU B 135 -12.19 27.91 -16.17
CA LEU B 135 -11.48 26.65 -16.09
C LEU B 135 -10.95 26.16 -17.42
N VAL B 136 -11.67 26.44 -18.51
CA VAL B 136 -11.24 26.00 -19.83
C VAL B 136 -9.95 26.67 -20.30
N GLU B 137 -9.86 28.00 -20.15
CA GLU B 137 -8.67 28.72 -20.58
C GLU B 137 -7.46 28.27 -19.76
N TYR B 138 -7.68 28.08 -18.46
CA TYR B 138 -6.62 27.62 -17.57
C TYR B 138 -6.08 26.26 -17.98
N LEU B 139 -6.97 25.30 -18.18
CA LEU B 139 -6.56 23.96 -18.58
C LEU B 139 -5.71 24.07 -19.84
N ILE B 140 -6.06 25.01 -20.70
CA ILE B 140 -5.28 25.18 -21.93
C ILE B 140 -3.87 25.59 -21.50
N ALA B 141 -3.80 26.58 -20.61
CA ALA B 141 -2.53 27.10 -20.11
C ALA B 141 -1.71 26.03 -19.38
N VAL B 142 -2.33 25.38 -18.39
CA VAL B 142 -1.66 24.32 -17.64
C VAL B 142 -1.04 23.32 -18.61
N SER B 143 -1.78 22.97 -19.65
CA SER B 143 -1.27 22.03 -20.64
C SER B 143 -0.09 22.65 -21.35
N ASN B 144 -0.27 23.87 -21.86
CA ASN B 144 0.79 24.57 -22.59
C ASN B 144 2.10 24.69 -21.80
N ASP B 145 2.00 24.87 -20.49
CA ASP B 145 3.19 25.01 -19.67
C ASP B 145 3.96 23.70 -19.55
N GLN B 146 3.24 22.59 -19.36
CA GLN B 146 3.90 21.30 -19.26
C GLN B 146 4.82 21.14 -20.44
N MET B 147 4.44 21.72 -21.57
CA MET B 147 5.25 21.65 -22.77
C MET B 147 6.48 22.53 -22.58
N LYS B 148 6.27 23.75 -22.11
CA LYS B 148 7.37 24.69 -21.89
C LYS B 148 8.33 24.10 -20.85
N ALA B 149 7.77 23.61 -19.75
CA ALA B 149 8.57 23.01 -18.68
C ALA B 149 9.44 21.88 -19.21
N ALA B 150 8.83 20.97 -19.95
CA ALA B 150 9.53 19.82 -20.51
C ALA B 150 10.69 20.24 -21.42
N ASP B 151 10.46 21.26 -22.24
CA ASP B 151 11.52 21.73 -23.13
C ASP B 151 12.69 22.29 -22.34
N TYR B 152 12.38 23.10 -21.34
CA TYR B 152 13.41 23.69 -20.48
C TYR B 152 14.28 22.60 -19.87
N ALA B 153 13.64 21.67 -19.16
CA ALA B 153 14.35 20.56 -18.53
C ALA B 153 15.39 20.02 -19.49
N VAL B 154 14.97 19.81 -20.73
CA VAL B 154 15.83 19.30 -21.78
C VAL B 154 16.90 20.33 -22.15
N ALA B 155 16.48 21.58 -22.27
CA ALA B 155 17.41 22.66 -22.61
C ALA B 155 18.46 22.78 -21.52
N ILE B 156 18.01 22.66 -20.28
CA ILE B 156 18.92 22.76 -19.13
C ILE B 156 19.86 21.57 -19.10
N SER B 157 19.32 20.37 -19.18
CA SER B 157 20.13 19.16 -19.17
C SER B 157 21.21 19.26 -20.24
N SER B 158 20.81 19.69 -21.42
CA SER B 158 21.76 19.81 -22.53
C SER B 158 22.84 20.81 -22.16
N LYS B 159 22.43 21.95 -21.60
CA LYS B 159 23.38 22.99 -21.25
C LYS B 159 24.39 22.65 -20.18
N TYR B 160 23.95 22.13 -19.04
CA TYR B 160 24.89 21.82 -17.97
C TYR B 160 25.49 20.42 -18.02
N GLY B 161 24.95 19.56 -18.86
CA GLY B 161 25.49 18.21 -18.96
C GLY B 161 26.90 18.23 -19.53
N LYS B 162 27.17 19.18 -20.43
CA LYS B 162 28.48 19.30 -21.07
C LYS B 162 29.46 20.20 -20.32
N LEU B 163 29.12 20.56 -19.09
CA LEU B 163 29.99 21.41 -18.28
C LEU B 163 30.59 20.60 -17.12
N VAL B 164 30.42 19.29 -17.18
CA VAL B 164 30.94 18.41 -16.14
C VAL B 164 31.43 17.09 -16.74
N SER B 165 32.06 16.26 -15.91
CA SER B 165 32.58 14.97 -16.35
C SER B 165 31.44 14.02 -16.73
N LYS B 166 31.73 13.15 -17.69
CA LYS B 166 30.76 12.17 -18.19
C LYS B 166 29.96 11.48 -17.09
N VAL B 167 30.62 11.17 -15.98
CA VAL B 167 29.94 10.48 -14.88
C VAL B 167 28.86 11.34 -14.22
N TYR B 168 29.09 12.66 -14.16
CA TYR B 168 28.14 13.57 -13.54
C TYR B 168 27.07 14.01 -14.54
N GLU B 169 27.45 14.09 -15.81
CA GLU B 169 26.51 14.48 -16.87
C GLU B 169 25.43 13.41 -16.94
N LYS B 170 25.87 12.18 -16.76
CA LYS B 170 24.98 11.02 -16.78
C LYS B 170 23.92 11.21 -15.70
N GLN B 171 24.33 11.77 -14.56
CA GLN B 171 23.43 12.02 -13.44
C GLN B 171 22.49 13.18 -13.75
N ILE B 172 23.03 14.21 -14.38
CA ILE B 172 22.23 15.38 -14.76
C ILE B 172 21.13 14.91 -15.71
N THR B 173 21.53 14.14 -16.71
CA THR B 173 20.60 13.62 -17.70
C THR B 173 19.51 12.76 -17.06
N ASN B 174 19.90 11.76 -16.29
CA ASN B 174 18.91 10.90 -15.65
C ASN B 174 17.95 11.73 -14.79
N HIS B 175 18.48 12.73 -14.09
CA HIS B 175 17.67 13.58 -13.22
C HIS B 175 16.62 14.41 -13.96
N LEU B 176 17.04 15.12 -15.00
CA LEU B 176 16.10 15.95 -15.74
C LEU B 176 15.16 15.12 -16.64
N GLU B 177 15.73 14.25 -17.48
CA GLU B 177 14.90 13.43 -18.35
C GLU B 177 14.01 12.51 -17.52
N GLY B 178 14.21 12.54 -16.21
CA GLY B 178 13.40 11.74 -15.31
C GLY B 178 12.13 12.47 -14.90
N THR B 179 11.91 13.63 -15.48
CA THR B 179 10.72 14.44 -15.19
C THR B 179 9.82 14.55 -16.44
N LEU B 180 10.44 14.48 -17.61
CA LEU B 180 9.77 14.58 -18.91
C LEU B 180 8.44 13.83 -19.09
N ASP B 181 8.43 12.55 -18.76
CA ASP B 181 7.21 11.76 -18.90
C ASP B 181 6.10 12.27 -18.01
N GLY B 182 6.47 12.67 -16.79
CA GLY B 182 5.49 13.20 -15.85
C GLY B 182 4.88 14.50 -16.34
N PHE B 183 5.60 15.22 -17.19
CA PHE B 183 5.09 16.47 -17.74
C PHE B 183 4.01 16.17 -18.76
N ALA B 184 4.37 15.37 -19.77
CA ALA B 184 3.41 15.01 -20.81
C ALA B 184 2.19 14.38 -20.16
N GLU B 185 2.39 13.75 -19.01
CA GLU B 185 1.30 13.12 -18.29
C GLU B 185 0.36 14.18 -17.72
N VAL B 186 0.94 15.27 -17.23
CA VAL B 186 0.13 16.34 -16.66
C VAL B 186 -0.65 17.02 -17.78
N ALA B 187 0.02 17.23 -18.91
CA ALA B 187 -0.62 17.85 -20.05
C ALA B 187 -1.81 16.99 -20.47
N GLN B 188 -1.67 15.67 -20.26
CA GLN B 188 -2.74 14.75 -20.60
C GLN B 188 -3.90 14.87 -19.63
N CYS B 189 -3.60 14.84 -18.34
CA CYS B 189 -4.66 14.94 -17.34
C CYS B 189 -5.52 16.18 -17.56
N SER B 190 -4.91 17.26 -18.00
CA SER B 190 -5.65 18.50 -18.22
C SER B 190 -6.32 18.54 -19.58
N SER B 191 -5.58 18.20 -20.63
CA SER B 191 -6.17 18.22 -21.96
C SER B 191 -7.32 17.23 -22.06
N LEU B 192 -7.29 16.19 -21.24
CA LEU B 192 -8.38 15.21 -21.23
C LEU B 192 -9.48 15.73 -20.33
N GLY B 193 -9.10 16.63 -19.44
CA GLY B 193 -10.07 17.22 -18.54
C GLY B 193 -10.96 18.18 -19.30
N LEU B 194 -10.36 18.94 -20.22
CA LEU B 194 -11.13 19.87 -21.04
C LEU B 194 -12.14 19.02 -21.79
N ILE B 195 -11.67 17.90 -22.32
CA ILE B 195 -12.51 16.99 -23.07
C ILE B 195 -13.68 16.49 -22.26
N THR B 196 -13.44 16.21 -20.98
CA THR B 196 -14.50 15.73 -20.11
C THR B 196 -15.57 16.80 -19.91
N LEU B 197 -15.14 18.06 -19.87
CA LEU B 197 -16.07 19.16 -19.69
C LEU B 197 -16.91 19.36 -20.95
N MET B 198 -16.23 19.42 -22.10
CA MET B 198 -16.89 19.59 -23.38
C MET B 198 -18.05 18.61 -23.55
N PHE B 199 -17.76 17.32 -23.42
CA PHE B 199 -18.78 16.31 -23.59
C PHE B 199 -19.77 16.22 -22.44
N ASP B 200 -19.55 16.98 -21.38
CA ASP B 200 -20.49 16.95 -20.27
C ASP B 200 -21.70 17.79 -20.67
N ASP B 201 -21.55 18.60 -21.70
CA ASP B 201 -22.64 19.45 -22.20
C ASP B 201 -23.28 18.78 -23.40
N LEU B 202 -22.94 17.51 -23.64
CA LEU B 202 -23.50 16.79 -24.77
C LEU B 202 -24.14 15.49 -24.33
N ARG B 203 -24.59 15.45 -23.08
CA ARG B 203 -25.21 14.26 -22.54
C ARG B 203 -26.56 13.93 -23.18
N LYS B 204 -27.37 14.94 -23.43
CA LYS B 204 -28.69 14.71 -24.03
C LYS B 204 -28.61 14.14 -25.44
N PRO B 205 -27.96 14.85 -26.36
CA PRO B 205 -27.85 14.35 -27.73
C PRO B 205 -27.24 12.96 -27.90
N TYR B 206 -26.33 12.58 -26.99
CA TYR B 206 -25.70 11.27 -27.10
C TYR B 206 -26.59 10.13 -26.62
N GLN B 207 -27.32 10.36 -25.54
CA GLN B 207 -28.21 9.33 -24.99
C GLN B 207 -29.44 9.08 -25.84
N GLU B 208 -29.57 9.82 -26.95
CA GLU B 208 -30.73 9.69 -27.81
C GLU B 208 -30.29 9.16 -29.17
N ILE B 209 -28.99 9.06 -29.49
CA ILE B 209 -28.74 8.56 -30.84
C ILE B 209 -29.14 7.10 -30.94
N PHE B 210 -29.66 6.75 -32.09
CA PHE B 210 -30.13 5.39 -32.38
C PHE B 210 -31.52 5.13 -31.89
N SER B 211 -32.20 6.18 -31.49
CA SER B 211 -33.60 6.07 -31.02
C SER B 211 -34.48 6.71 -32.06
N LYS B 212 -35.77 6.54 -31.89
CA LYS B 212 -36.76 7.03 -32.85
C LYS B 212 -36.44 8.41 -33.44
N THR B 213 -36.40 9.42 -32.58
CA THR B 213 -36.13 10.79 -33.03
C THR B 213 -34.79 10.92 -33.73
N TRP B 214 -33.87 10.00 -33.44
CA TRP B 214 -32.54 10.09 -34.05
C TRP B 214 -32.51 9.89 -35.55
N TYR B 215 -33.49 9.16 -36.09
CA TYR B 215 -33.55 8.90 -37.52
C TYR B 215 -33.65 10.15 -38.39
N MET B 216 -34.46 11.11 -37.96
CA MET B 216 -34.63 12.34 -38.73
C MET B 216 -34.38 13.57 -37.83
N GLY B 217 -33.64 13.35 -36.75
CA GLY B 217 -33.35 14.42 -35.81
C GLY B 217 -32.12 15.27 -36.10
N SER B 218 -31.63 15.94 -35.06
CA SER B 218 -30.48 16.83 -35.15
C SER B 218 -29.45 16.55 -34.05
N GLN B 219 -29.51 15.34 -33.50
CA GLN B 219 -28.61 14.91 -32.43
C GLN B 219 -27.14 15.21 -32.70
N ALA B 220 -26.65 14.79 -33.87
CA ALA B 220 -25.26 15.00 -34.25
C ALA B 220 -24.94 16.42 -34.67
N GLN B 221 -25.96 17.26 -34.78
CA GLN B 221 -25.69 18.64 -35.16
C GLN B 221 -25.44 19.41 -33.87
N GLN B 222 -26.15 19.03 -32.82
CA GLN B 222 -25.98 19.67 -31.52
C GLN B 222 -24.54 19.37 -31.11
N ILE B 223 -24.16 18.10 -31.26
CA ILE B 223 -22.81 17.64 -30.92
C ILE B 223 -21.76 18.45 -31.68
N ALA B 224 -21.86 18.45 -33.00
CA ALA B 224 -20.91 19.18 -33.81
C ALA B 224 -20.92 20.68 -33.51
N ASP B 225 -22.08 21.23 -33.14
CA ASP B 225 -22.16 22.65 -32.84
C ASP B 225 -21.32 22.95 -31.61
N THR B 226 -21.74 22.37 -30.47
CA THR B 226 -21.05 22.55 -29.21
C THR B 226 -19.53 22.40 -29.38
N LEU B 227 -19.13 21.29 -30.00
CA LEU B 227 -17.69 21.04 -30.22
C LEU B 227 -17.03 22.18 -30.98
N ASP B 228 -17.63 22.58 -32.10
CA ASP B 228 -17.08 23.65 -32.92
C ASP B 228 -16.93 24.94 -32.12
N GLU B 229 -17.86 25.19 -31.19
CA GLU B 229 -17.75 26.38 -30.35
C GLU B 229 -16.44 26.28 -29.59
N TYR B 230 -16.32 25.23 -28.78
CA TYR B 230 -15.12 24.99 -27.99
C TYR B 230 -13.86 25.00 -28.83
N LEU B 231 -13.83 24.13 -29.84
CA LEU B 231 -12.65 24.04 -30.68
C LEU B 231 -12.28 25.36 -31.35
N LEU B 232 -13.29 26.16 -31.66
CA LEU B 232 -13.06 27.46 -32.31
C LEU B 232 -12.04 28.30 -31.56
N ASP B 233 -12.35 28.67 -30.32
CA ASP B 233 -11.45 29.51 -29.55
C ASP B 233 -10.37 28.74 -28.76
N ILE B 234 -10.26 27.43 -29.00
CA ILE B 234 -9.22 26.66 -28.32
C ILE B 234 -7.99 26.52 -29.20
N LYS B 235 -8.19 26.13 -30.45
CA LYS B 235 -7.08 25.94 -31.37
C LYS B 235 -5.99 27.02 -31.32
N PRO B 236 -6.37 28.30 -31.44
CA PRO B 236 -5.37 29.39 -31.41
C PRO B 236 -4.57 29.48 -30.11
N GLN B 237 -5.26 29.30 -28.99
CA GLN B 237 -4.66 29.41 -27.67
C GLN B 237 -3.91 28.16 -27.17
N MET B 238 -3.80 27.14 -28.00
CA MET B 238 -3.12 25.92 -27.58
C MET B 238 -1.88 25.60 -28.40
N ASN B 239 -0.95 24.90 -27.77
CA ASN B 239 0.29 24.49 -28.41
C ASN B 239 -0.07 23.61 -29.61
N SER B 240 0.42 23.99 -30.79
CA SER B 240 0.13 23.26 -32.01
C SER B 240 0.39 21.75 -31.89
N VAL B 241 1.46 21.39 -31.18
CA VAL B 241 1.79 19.98 -31.02
C VAL B 241 0.83 19.24 -30.08
N LEU B 242 0.51 19.86 -28.95
CA LEU B 242 -0.40 19.23 -28.00
C LEU B 242 -1.82 19.22 -28.57
N PHE B 243 -2.08 20.12 -29.51
CA PHE B 243 -3.39 20.23 -30.14
C PHE B 243 -3.66 19.02 -31.04
N VAL B 244 -2.71 18.72 -31.93
CA VAL B 244 -2.86 17.59 -32.84
C VAL B 244 -3.20 16.31 -32.07
N ASN B 245 -2.70 16.21 -30.85
CA ASN B 245 -2.98 15.04 -30.02
C ASN B 245 -4.34 15.26 -29.37
N PHE B 246 -4.65 16.52 -29.12
CA PHE B 246 -5.91 16.90 -28.48
C PHE B 246 -7.14 16.54 -29.32
N ILE B 247 -7.22 17.03 -30.55
CA ILE B 247 -8.37 16.72 -31.38
C ILE B 247 -8.44 15.24 -31.71
N ASP B 248 -7.29 14.55 -31.70
CA ASP B 248 -7.27 13.12 -31.97
C ASP B 248 -8.10 12.42 -30.90
N ASN B 249 -8.01 12.91 -29.67
CA ASN B 249 -8.80 12.33 -28.58
C ASN B 249 -10.22 12.87 -28.64
N VAL B 250 -10.40 14.00 -29.33
CA VAL B 250 -11.72 14.59 -29.47
C VAL B 250 -12.45 13.82 -30.55
N ILE B 251 -11.83 13.74 -31.73
CA ILE B 251 -12.43 13.00 -32.83
C ILE B 251 -12.75 11.61 -32.31
N GLY B 252 -11.80 11.03 -31.60
CA GLY B 252 -11.97 9.71 -31.05
C GLY B 252 -13.02 9.62 -29.97
N GLU B 253 -13.22 10.70 -29.22
CA GLU B 253 -14.23 10.69 -28.15
C GLU B 253 -15.63 10.94 -28.68
N THR B 254 -15.72 11.53 -29.87
CA THR B 254 -17.01 11.80 -30.47
C THR B 254 -17.55 10.43 -30.85
N ILE B 255 -16.72 9.69 -31.57
CA ILE B 255 -17.05 8.37 -32.06
C ILE B 255 -17.33 7.29 -31.03
N ILE B 256 -16.59 7.23 -29.93
CA ILE B 256 -16.89 6.17 -28.98
C ILE B 256 -18.16 6.50 -28.21
N LYS B 257 -18.36 7.79 -27.92
CA LYS B 257 -19.56 8.20 -27.20
C LYS B 257 -20.76 7.85 -28.07
N PHE B 258 -20.56 7.94 -29.39
CA PHE B 258 -21.58 7.62 -30.37
C PHE B 258 -21.84 6.13 -30.27
N LEU B 259 -20.83 5.35 -30.63
CA LEU B 259 -20.89 3.88 -30.59
C LEU B 259 -21.39 3.36 -29.27
N THR B 260 -21.10 4.06 -28.19
CA THR B 260 -21.53 3.62 -26.86
C THR B 260 -23.05 3.64 -26.79
N ALA B 261 -23.66 4.32 -27.76
CA ALA B 261 -25.12 4.43 -27.82
C ALA B 261 -25.75 3.05 -28.04
N LEU B 262 -25.03 2.15 -28.72
CA LEU B 262 -25.52 0.79 -28.96
C LEU B 262 -25.97 0.12 -27.68
N SER B 263 -25.70 0.75 -26.54
CA SER B 263 -26.08 0.17 -25.26
C SER B 263 -27.58 0.14 -25.04
N PHE B 264 -28.29 1.07 -25.66
CA PHE B 264 -29.74 1.12 -25.50
C PHE B 264 -30.44 0.00 -26.27
N GLU B 265 -29.69 -0.64 -27.16
CA GLU B 265 -30.17 -1.75 -27.97
C GLU B 265 -31.36 -1.46 -28.86
N HIS B 266 -31.31 -0.34 -29.57
CA HIS B 266 -32.39 0.01 -30.48
C HIS B 266 -32.17 -0.76 -31.76
N SER B 267 -33.20 -1.47 -32.23
CA SER B 267 -33.09 -2.23 -33.45
C SER B 267 -32.83 -1.31 -34.65
N PHE B 268 -31.92 -1.72 -35.52
CA PHE B 268 -31.57 -0.93 -36.70
C PHE B 268 -32.67 -1.03 -37.75
N LYS B 269 -33.58 -0.06 -37.74
CA LYS B 269 -34.68 -0.01 -38.71
C LYS B 269 -34.08 0.42 -40.04
N ASN B 270 -33.90 -0.51 -40.97
CA ASN B 270 -33.30 -0.14 -42.25
C ASN B 270 -34.29 -0.13 -43.43
N LYS B 271 -35.57 0.02 -43.13
CA LYS B 271 -36.60 0.07 -44.16
C LYS B 271 -36.25 1.21 -45.13
N ASN B 272 -35.75 0.84 -46.31
CA ASN B 272 -35.35 1.80 -47.32
C ASN B 272 -34.14 2.62 -46.88
N ASN B 273 -33.19 1.95 -46.23
CA ASN B 273 -31.97 2.60 -45.76
C ASN B 273 -32.20 3.78 -44.83
N LYS B 274 -33.24 3.69 -44.00
CA LYS B 274 -33.53 4.77 -43.07
C LYS B 274 -32.46 4.79 -41.96
N PHE B 275 -31.56 3.81 -41.98
CA PHE B 275 -30.50 3.72 -40.98
C PHE B 275 -29.16 4.07 -41.63
N LEU B 276 -28.85 3.43 -42.75
CA LEU B 276 -27.60 3.70 -43.45
C LEU B 276 -27.56 5.15 -43.90
N GLU B 277 -28.69 5.83 -43.79
CA GLU B 277 -28.79 7.22 -44.17
C GLU B 277 -28.71 8.13 -42.95
N ALA B 278 -29.21 7.65 -41.82
CA ALA B 278 -29.14 8.42 -40.59
C ALA B 278 -27.69 8.32 -40.06
N MET B 279 -26.92 7.42 -40.65
CA MET B 279 -25.52 7.21 -40.29
C MET B 279 -24.66 8.07 -41.21
N LYS B 280 -24.92 8.03 -42.52
CA LYS B 280 -24.17 8.85 -43.46
C LYS B 280 -24.39 10.33 -43.18
N ARG B 281 -25.52 10.64 -42.56
CA ARG B 281 -25.85 12.02 -42.21
C ARG B 281 -24.86 12.47 -41.14
N ASP B 282 -24.92 11.81 -39.99
CA ASP B 282 -24.03 12.10 -38.88
C ASP B 282 -22.57 12.05 -39.33
N PHE B 283 -22.21 10.97 -40.01
CA PHE B 283 -20.85 10.81 -40.51
C PHE B 283 -20.45 12.08 -41.23
N GLU B 284 -21.34 12.57 -42.08
CA GLU B 284 -21.07 13.78 -42.84
C GLU B 284 -20.90 15.00 -41.93
N ILE B 285 -21.81 15.16 -40.98
CA ILE B 285 -21.75 16.28 -40.04
C ILE B 285 -20.35 16.28 -39.41
N PHE B 286 -20.07 15.25 -38.63
CA PHE B 286 -18.78 15.09 -37.96
C PHE B 286 -17.60 15.29 -38.89
N TYR B 287 -17.53 14.48 -39.94
CA TYR B 287 -16.43 14.58 -40.90
C TYR B 287 -16.16 16.02 -41.33
N GLN B 288 -17.22 16.80 -41.52
CA GLN B 288 -17.07 18.18 -41.95
C GLN B 288 -16.61 19.11 -40.82
N LEU B 289 -16.97 18.79 -39.58
CA LEU B 289 -16.58 19.59 -38.43
C LEU B 289 -15.07 19.50 -38.25
N PHE B 290 -14.59 18.26 -38.11
CA PHE B 290 -13.18 18.01 -37.92
C PHE B 290 -12.37 18.29 -39.19
N VAL B 291 -13.06 18.50 -40.30
CA VAL B 291 -12.36 18.82 -41.55
C VAL B 291 -12.05 20.30 -41.44
N LYS B 292 -13.00 21.03 -40.84
CA LYS B 292 -12.88 22.46 -40.62
C LYS B 292 -11.82 22.72 -39.55
N VAL B 293 -12.06 22.20 -38.35
CA VAL B 293 -11.13 22.38 -37.25
C VAL B 293 -9.69 22.08 -37.67
N LEU B 294 -9.42 20.83 -38.03
CA LEU B 294 -8.10 20.41 -38.45
C LEU B 294 -7.70 20.97 -39.82
N ASP B 295 -8.07 22.22 -40.07
CA ASP B 295 -7.74 22.86 -41.33
C ASP B 295 -6.30 23.38 -41.28
N GLY B 296 -5.52 23.05 -42.30
CA GLY B 296 -4.14 23.51 -42.35
C GLY B 296 -3.18 22.56 -41.63
N ASN B 297 -3.65 21.91 -40.58
CA ASN B 297 -2.83 20.98 -39.80
C ASN B 297 -2.36 19.80 -40.66
N GLU B 298 -1.07 19.77 -40.95
CA GLU B 298 -0.49 18.73 -41.79
C GLU B 298 -0.84 17.28 -41.47
N SER B 299 -1.42 17.04 -40.30
CA SER B 299 -1.78 15.68 -39.91
C SER B 299 -3.29 15.46 -39.93
N LYS B 300 -4.00 16.22 -40.77
CA LYS B 300 -5.46 16.12 -40.87
C LYS B 300 -5.95 14.84 -41.54
N ASP B 301 -5.57 14.64 -42.80
CA ASP B 301 -5.99 13.45 -43.54
C ASP B 301 -5.62 12.15 -42.82
N THR B 302 -4.81 12.25 -41.78
CA THR B 302 -4.39 11.07 -41.04
C THR B 302 -5.25 10.82 -39.81
N LEU B 303 -5.66 11.89 -39.13
CA LEU B 303 -6.47 11.77 -37.92
C LEU B 303 -7.92 11.43 -38.22
N ILE B 304 -8.39 11.80 -39.41
CA ILE B 304 -9.75 11.50 -39.82
C ILE B 304 -9.75 10.02 -40.16
N THR B 305 -9.02 9.67 -41.22
CA THR B 305 -8.89 8.30 -41.69
C THR B 305 -8.75 7.24 -40.60
N GLN B 306 -7.96 7.55 -39.57
CA GLN B 306 -7.75 6.59 -38.49
C GLN B 306 -8.91 6.51 -37.51
N ASN B 307 -9.69 7.59 -37.45
CA ASN B 307 -10.83 7.59 -36.53
C ASN B 307 -12.16 7.26 -37.20
N PHE B 308 -12.40 7.81 -38.37
CA PHE B 308 -13.66 7.56 -39.06
C PHE B 308 -13.78 6.23 -39.77
N THR B 309 -12.69 5.49 -39.89
CA THR B 309 -12.77 4.20 -40.54
C THR B 309 -13.66 3.28 -39.70
N VAL B 310 -13.60 3.44 -38.38
CA VAL B 310 -14.43 2.62 -37.50
C VAL B 310 -15.92 2.86 -37.75
N MET B 311 -16.27 4.07 -38.18
CA MET B 311 -17.67 4.41 -38.47
C MET B 311 -18.11 3.58 -39.68
N GLU B 312 -17.27 3.56 -40.70
CA GLU B 312 -17.56 2.82 -41.92
C GLU B 312 -17.71 1.31 -41.70
N PHE B 313 -17.01 0.78 -40.70
CA PHE B 313 -17.10 -0.65 -40.42
C PHE B 313 -18.36 -0.90 -39.59
N PHE B 314 -18.77 0.11 -38.83
CA PHE B 314 -19.97 0.00 -38.01
C PHE B 314 -21.17 -0.15 -38.94
N MET B 315 -21.09 0.51 -40.08
CA MET B 315 -22.15 0.47 -41.07
C MET B 315 -22.20 -0.92 -41.72
N ASP B 316 -21.08 -1.34 -42.29
CA ASP B 316 -21.01 -2.65 -42.93
C ASP B 316 -21.39 -3.77 -41.95
N LEU B 317 -20.85 -3.73 -40.74
CA LEU B 317 -21.18 -4.75 -39.76
C LEU B 317 -22.61 -4.58 -39.25
N SER B 318 -23.36 -3.63 -39.78
CA SER B 318 -24.73 -3.41 -39.33
C SER B 318 -25.79 -3.57 -40.42
N CYS B 319 -25.40 -3.42 -41.67
CA CYS B 319 -26.35 -3.52 -42.76
C CYS B 319 -26.07 -4.56 -43.83
N GLU B 320 -24.82 -5.00 -43.94
CA GLU B 320 -24.48 -6.00 -44.95
C GLU B 320 -25.09 -7.35 -44.61
N PRO B 321 -25.21 -8.25 -45.61
CA PRO B 321 -25.79 -9.57 -45.35
C PRO B 321 -25.13 -10.29 -44.17
N ILE B 322 -25.94 -10.79 -43.24
CA ILE B 322 -25.43 -11.47 -42.06
C ILE B 322 -24.41 -12.55 -42.42
N ASP B 323 -24.31 -12.90 -43.69
CA ASP B 323 -23.38 -13.93 -44.14
C ASP B 323 -21.97 -13.43 -44.41
N SER B 324 -21.83 -12.14 -44.71
CA SER B 324 -20.51 -11.60 -44.99
C SER B 324 -20.00 -10.67 -43.89
N ILE B 325 -20.47 -10.83 -42.67
CA ILE B 325 -20.00 -9.96 -41.60
C ILE B 325 -18.61 -10.37 -41.14
N LEU B 326 -18.36 -11.67 -41.01
CA LEU B 326 -17.06 -12.14 -40.57
C LEU B 326 -15.97 -11.72 -41.55
N ASP B 327 -16.30 -11.73 -42.83
CA ASP B 327 -15.34 -11.31 -43.85
C ASP B 327 -15.09 -9.82 -43.67
N ILE B 328 -16.06 -9.16 -43.04
CA ILE B 328 -15.94 -7.74 -42.78
C ILE B 328 -15.19 -7.58 -41.45
N TRP B 329 -15.61 -8.34 -40.45
CA TRP B 329 -14.99 -8.31 -39.12
C TRP B 329 -13.50 -8.66 -39.16
N GLN B 330 -13.09 -9.29 -40.25
CA GLN B 330 -11.69 -9.66 -40.41
C GLN B 330 -10.96 -8.40 -40.84
N LYS B 331 -11.39 -7.82 -41.96
CA LYS B 331 -10.77 -6.61 -42.47
C LYS B 331 -10.83 -5.48 -41.44
N TYR B 332 -11.81 -5.56 -40.53
CA TYR B 332 -11.94 -4.55 -39.50
C TYR B 332 -10.81 -4.74 -38.49
N LEU B 333 -10.58 -5.99 -38.08
CA LEU B 333 -9.51 -6.26 -37.13
C LEU B 333 -8.17 -5.83 -37.73
N GLU B 334 -8.04 -6.00 -39.04
CA GLU B 334 -6.83 -5.62 -39.76
C GLU B 334 -6.39 -4.20 -39.37
N VAL B 335 -7.37 -3.32 -39.14
CA VAL B 335 -7.07 -1.94 -38.79
C VAL B 335 -7.11 -1.68 -37.29
N TYR B 336 -8.12 -2.19 -36.60
CA TYR B 336 -8.22 -1.98 -35.16
C TYR B 336 -7.94 -3.27 -34.39
N TRP B 337 -6.67 -3.69 -34.46
CA TRP B 337 -6.21 -4.91 -33.82
C TRP B 337 -6.37 -4.95 -32.30
N ASP B 338 -6.29 -3.79 -31.65
CA ASP B 338 -6.41 -3.73 -30.20
C ASP B 338 -7.87 -3.64 -29.77
N SER B 339 -8.77 -3.84 -30.72
CA SER B 339 -10.21 -3.76 -30.47
C SER B 339 -10.77 -4.94 -29.70
N ARG B 340 -11.74 -4.68 -28.81
CA ARG B 340 -12.38 -5.74 -28.05
C ARG B 340 -13.40 -6.41 -28.98
N ILE B 341 -14.25 -7.26 -28.41
CA ILE B 341 -15.27 -7.95 -29.21
C ILE B 341 -16.62 -7.29 -28.90
N ASP B 342 -16.60 -6.35 -27.96
CA ASP B 342 -17.81 -5.64 -27.54
C ASP B 342 -18.60 -4.98 -28.66
N LEU B 343 -17.91 -4.38 -29.61
CA LEU B 343 -18.57 -3.70 -30.72
C LEU B 343 -19.48 -4.64 -31.52
N LEU B 344 -18.94 -5.77 -31.94
CA LEU B 344 -19.73 -6.72 -32.72
C LEU B 344 -20.90 -7.20 -31.88
N VAL B 345 -20.63 -7.54 -30.63
CA VAL B 345 -21.69 -8.01 -29.76
C VAL B 345 -22.83 -6.98 -29.71
N GLY B 346 -22.46 -5.70 -29.63
CA GLY B 346 -23.46 -4.66 -29.58
C GLY B 346 -24.19 -4.53 -30.90
N ILE B 347 -23.43 -4.49 -31.98
CA ILE B 347 -23.99 -4.38 -33.32
C ILE B 347 -25.01 -5.50 -33.62
N LEU B 348 -24.66 -6.74 -33.30
CA LEU B 348 -25.55 -7.89 -33.56
C LEU B 348 -26.82 -7.86 -32.71
N LYS B 349 -26.73 -7.32 -31.51
CA LYS B 349 -27.91 -7.25 -30.63
C LYS B 349 -28.97 -6.28 -31.15
N CYS B 350 -28.57 -5.44 -32.10
CA CYS B 350 -29.47 -4.45 -32.67
C CYS B 350 -29.92 -4.86 -34.07
N ARG B 351 -29.49 -6.04 -34.50
CA ARG B 351 -29.85 -6.54 -35.82
C ARG B 351 -31.12 -7.38 -35.73
N LYS B 352 -32.09 -7.05 -36.56
CA LYS B 352 -33.34 -7.78 -36.56
C LYS B 352 -33.22 -9.14 -37.21
N ASP B 353 -32.33 -9.25 -38.19
CA ASP B 353 -32.12 -10.50 -38.91
C ASP B 353 -31.03 -11.37 -38.28
N VAL B 354 -30.95 -11.35 -36.95
CA VAL B 354 -29.96 -12.13 -36.22
C VAL B 354 -30.60 -12.63 -34.93
N SER B 355 -30.83 -13.93 -34.85
CA SER B 355 -31.44 -14.53 -33.66
C SER B 355 -30.38 -14.67 -32.58
N SER B 356 -30.80 -14.86 -31.34
CA SER B 356 -29.84 -15.01 -30.24
C SER B 356 -28.84 -16.10 -30.62
N SER B 357 -29.38 -17.27 -30.95
CA SER B 357 -28.56 -18.41 -31.35
C SER B 357 -27.56 -18.03 -32.46
N GLU B 358 -28.07 -17.50 -33.57
CA GLU B 358 -27.19 -17.11 -34.68
C GLU B 358 -26.15 -16.09 -34.24
N ARG B 359 -26.40 -15.44 -33.10
CA ARG B 359 -25.47 -14.43 -32.60
C ARG B 359 -24.27 -15.06 -31.90
N LYS B 360 -24.52 -16.04 -31.03
CA LYS B 360 -23.43 -16.70 -30.32
C LYS B 360 -22.47 -17.40 -31.26
N LYS B 361 -23.01 -18.04 -32.30
CA LYS B 361 -22.13 -18.71 -33.25
C LYS B 361 -21.31 -17.68 -34.01
N ILE B 362 -21.83 -16.45 -34.10
CA ILE B 362 -21.10 -15.39 -34.79
C ILE B 362 -20.08 -14.78 -33.85
N VAL B 363 -20.45 -14.60 -32.59
CA VAL B 363 -19.51 -14.05 -31.62
C VAL B 363 -18.38 -15.07 -31.44
N GLN B 364 -18.75 -16.34 -31.38
CA GLN B 364 -17.79 -17.42 -31.23
C GLN B 364 -16.66 -17.26 -32.24
N GLN B 365 -17.02 -17.31 -33.51
CA GLN B 365 -16.04 -17.19 -34.60
C GLN B 365 -15.36 -15.82 -34.67
N ALA B 366 -15.98 -14.80 -34.07
CA ALA B 366 -15.41 -13.46 -34.08
C ALA B 366 -14.33 -13.44 -32.99
N THR B 367 -14.75 -13.76 -31.77
CA THR B 367 -13.85 -13.82 -30.62
C THR B 367 -12.58 -14.59 -30.95
N GLU B 368 -12.70 -15.58 -31.84
CA GLU B 368 -11.57 -16.39 -32.25
C GLU B 368 -10.70 -15.66 -33.26
N MET B 369 -11.32 -15.12 -34.30
CA MET B 369 -10.56 -14.40 -35.31
C MET B 369 -9.74 -13.31 -34.63
N LEU B 370 -10.20 -12.90 -33.44
CA LEU B 370 -9.56 -11.88 -32.65
C LEU B 370 -8.30 -12.43 -31.99
N HIS B 371 -8.48 -13.47 -31.17
CA HIS B 371 -7.38 -14.12 -30.47
C HIS B 371 -6.28 -14.59 -31.42
N GLU B 372 -6.69 -15.16 -32.55
CA GLU B 372 -5.74 -15.65 -33.53
C GLU B 372 -5.03 -14.51 -34.26
N TYR B 373 -5.61 -13.31 -34.20
CA TYR B 373 -4.97 -12.18 -34.87
C TYR B 373 -3.97 -11.54 -33.90
N ARG B 374 -4.32 -11.56 -32.62
CA ARG B 374 -3.46 -11.00 -31.58
C ARG B 374 -2.23 -11.88 -31.43
N ARG B 375 -2.45 -13.13 -31.03
CA ARG B 375 -1.35 -14.09 -30.87
C ARG B 375 -0.64 -14.25 -32.20
N ASN B 376 -1.42 -14.35 -33.27
CA ASN B 376 -0.85 -14.50 -34.60
C ASN B 376 0.05 -13.32 -34.94
N MET B 377 -0.18 -12.20 -34.25
CA MET B 377 0.62 -11.02 -34.47
C MET B 377 1.77 -11.00 -33.49
N GLU B 378 1.49 -11.41 -32.26
CA GLU B 378 2.48 -11.47 -31.20
C GLU B 378 3.46 -12.61 -31.47
N ALA B 379 3.74 -12.84 -32.75
CA ALA B 379 4.65 -13.90 -33.17
C ALA B 379 4.93 -13.78 -34.67
N ASP B 383 4.68 -4.97 -35.22
CA ASP B 383 4.26 -4.01 -34.19
C ASP B 383 3.76 -2.72 -34.82
N ARG B 384 2.73 -2.12 -34.21
CA ARG B 384 2.15 -0.86 -34.69
C ARG B 384 1.36 -0.09 -33.63
N GLU B 385 1.20 1.20 -33.85
CA GLU B 385 0.50 2.08 -32.92
C GLU B 385 -0.97 1.73 -32.68
N PRO B 386 -1.43 1.88 -31.43
CA PRO B 386 -2.81 1.60 -31.01
C PRO B 386 -3.86 2.52 -31.62
N THR B 387 -5.12 2.17 -31.41
CA THR B 387 -6.25 2.93 -31.93
C THR B 387 -7.29 3.17 -30.84
N LEU B 388 -8.20 4.10 -31.11
CA LEU B 388 -9.26 4.46 -30.16
C LEU B 388 -10.11 3.28 -29.73
N MET B 389 -10.30 2.30 -30.61
CA MET B 389 -11.11 1.15 -30.28
C MET B 389 -10.67 0.45 -29.00
N ARG B 390 -9.44 0.69 -28.60
CA ARG B 390 -8.90 0.09 -27.40
C ARG B 390 -9.71 0.52 -26.17
N ARG B 391 -10.31 1.70 -26.27
CA ARG B 391 -11.11 2.25 -25.17
C ARG B 391 -12.59 1.87 -25.19
N PHE B 392 -13.08 1.35 -26.32
CA PHE B 392 -14.48 0.96 -26.40
C PHE B 392 -14.79 -0.25 -25.51
N VAL B 393 -15.72 -0.06 -24.59
CA VAL B 393 -16.11 -1.11 -23.67
C VAL B 393 -17.63 -1.23 -23.70
N LEU B 394 -18.14 -2.45 -23.57
CA LEU B 394 -19.58 -2.68 -23.58
C LEU B 394 -19.88 -4.03 -22.91
N GLU B 395 -20.03 -3.98 -21.59
CA GLU B 395 -20.30 -5.16 -20.77
C GLU B 395 -21.46 -6.01 -21.27
N PHE B 396 -21.14 -7.20 -21.79
CA PHE B 396 -22.19 -8.13 -22.26
C PHE B 396 -22.08 -9.44 -21.48
N GLU B 397 -23.22 -10.10 -21.26
CA GLU B 397 -23.24 -11.33 -20.49
C GLU B 397 -22.82 -12.64 -21.16
N LYS B 398 -22.94 -13.71 -20.37
CA LYS B 398 -22.59 -15.06 -20.78
C LYS B 398 -22.67 -15.46 -22.23
N GLN B 399 -21.65 -16.20 -22.68
CA GLN B 399 -21.56 -16.69 -24.04
C GLN B 399 -21.26 -15.59 -25.05
#